data_8GK7
#
_entry.id   8GK7
#
_cell.length_a   1.00
_cell.length_b   1.00
_cell.length_c   1.00
_cell.angle_alpha   90.00
_cell.angle_beta   90.00
_cell.angle_gamma   90.00
#
_symmetry.space_group_name_H-M   'P 1'
#
loop_
_entity.id
_entity.type
_entity.pdbx_description
1 polymer 'Lipid A export ATP-binding/permease protein MsbA'
2 non-polymer 'PHOSPHOAMINOPHOSPHONIC ACID-ADENYLATE ESTER'
3 non-polymer '2-[(4-butylbenzene-1-sulfonyl)amino]-5-[(3-{4-[(4-butylbenzene-1-sulfonyl)amino]-3-carboxyanilino}-3-oxopropyl)carbamoyl]benzoic acid'
#
_entity_poly.entity_id   1
_entity_poly.type   'polypeptide(L)'
_entity_poly.pdbx_seq_one_letter_code
;MGHHHHHHHHHHSSGHIDDDDKHMNQDFKVYLRLISYLKPYWGVALLVLIGFGMNSATEVSVAKLIKFIIDAIQNASRAD
LDWFPLLIILLVFFRGLGLFMGGYYTAVISRSLVFSIRQEVYAKLLRLPAQYYLDNSSGHITAKIMYNVEQLTAASSESL
KTIVRDGMITLGLLGYLFYTNWRLTICIMVFLPVIGILVRKASKRMRKLSMQVQDTMGDVNHVVQESINGNAVVKSFAGE
ESEQERFYKSSEENLKRGLKMVIVQNLNSPVVQVVMACAMALIVWLALRPQILGNTTAGEFVAYITAAGLLSKPVKNLTD
VNEKLQRGLAAAHSVFELLDLPEEQNSGELKPQLQGAIRFDHVVLNYADGTQAIKDFSLDIRPGETVALVGRSGAGKTSL
VNMLVRFQEVSSGQIYLDDLPIRDIELSSLRTQIAMVNQQVVLFNRTVRENIAYGQLHNASDEDVIAAAKAAYAHDFIMN
LPNGYDTVLGAQGLNLSGGQRQRIAIARAILKNAPILILDEATSALDNESEHFIQQAFDEAMQDRTTIVIAHRLSTIENA
DRIVVMDRGQIVEQGTHQELLAKHGAYYQLHQRNFEDQ
;
_entity_poly.pdbx_strand_id   A,B
#
loop_
_chem_comp.id
_chem_comp.type
_chem_comp.name
_chem_comp.formula
ANP non-polymer 'PHOSPHOAMINOPHOSPHONIC ACID-ADENYLATE ESTER' 'C10 H17 N6 O12 P3'
ZQF non-polymer '2-[(4-butylbenzene-1-sulfonyl)amino]-5-[(3-{4-[(4-butylbenzene-1-sulfonyl)amino]-3-carboxyanilino}-3-oxopropyl)carbamoyl]benzoic acid' 'C38 H42 N4 O10 S2'
#
# COMPACT_ATOMS: atom_id res chain seq x y z
N LYS A 29 -20.49 18.83 -1.48
CA LYS A 29 -19.55 18.90 -2.59
C LYS A 29 -18.12 18.70 -2.09
N VAL A 30 -17.27 18.13 -2.95
CA VAL A 30 -15.89 17.87 -2.56
C VAL A 30 -15.17 19.17 -2.24
N TYR A 31 -15.34 20.18 -3.09
CA TYR A 31 -14.66 21.45 -2.87
C TYR A 31 -15.11 22.12 -1.57
N LEU A 32 -16.42 22.09 -1.30
CA LEU A 32 -16.94 22.78 -0.12
C LEU A 32 -16.37 22.18 1.17
N ARG A 33 -16.33 20.84 1.26
CA ARG A 33 -15.84 20.21 2.47
C ARG A 33 -14.34 20.41 2.64
N LEU A 34 -13.60 20.50 1.53
CA LEU A 34 -12.16 20.70 1.63
C LEU A 34 -11.83 22.03 2.29
N ILE A 35 -12.59 23.08 1.98
CA ILE A 35 -12.35 24.38 2.58
C ILE A 35 -12.52 24.31 4.08
N SER A 36 -13.48 23.52 4.55
CA SER A 36 -13.69 23.39 6.00
C SER A 36 -12.47 22.83 6.71
N TYR A 37 -11.61 22.11 6.01
CA TYR A 37 -10.42 21.51 6.63
C TYR A 37 -9.26 22.50 6.76
N LEU A 38 -9.31 23.64 6.09
CA LEU A 38 -8.27 24.66 6.19
C LEU A 38 -8.75 25.89 6.95
N LYS A 39 -9.80 25.75 7.76
CA LYS A 39 -10.31 26.90 8.51
C LYS A 39 -9.25 27.53 9.41
N PRO A 40 -8.49 26.77 10.22
CA PRO A 40 -7.50 27.41 11.09
C PRO A 40 -6.27 27.91 10.35
N TYR A 41 -6.16 27.69 9.04
CA TYR A 41 -5.01 28.12 8.25
C TYR A 41 -5.26 29.42 7.50
N TRP A 42 -6.38 30.10 7.77
CA TRP A 42 -6.67 31.35 7.07
C TRP A 42 -5.60 32.40 7.34
N GLY A 43 -4.98 32.37 8.52
CA GLY A 43 -3.92 33.31 8.81
C GLY A 43 -2.75 33.17 7.85
N VAL A 44 -2.37 31.92 7.54
CA VAL A 44 -1.31 31.68 6.57
C VAL A 44 -1.84 31.63 5.14
N ALA A 45 -3.14 31.43 4.94
CA ALA A 45 -3.69 31.35 3.59
C ALA A 45 -3.57 32.66 2.84
N LEU A 46 -3.42 33.79 3.55
CA LEU A 46 -3.29 35.08 2.89
C LEU A 46 -1.84 35.44 2.62
N LEU A 47 -0.90 34.91 3.41
CA LEU A 47 0.51 35.21 3.17
C LEU A 47 0.95 34.64 1.82
N VAL A 48 0.47 33.45 1.46
CA VAL A 48 0.81 32.87 0.17
C VAL A 48 0.31 33.76 -0.96
N LEU A 49 -0.86 34.36 -0.78
CA LEU A 49 -1.40 35.24 -1.82
C LEU A 49 -0.49 36.44 -2.03
N ILE A 50 0.03 37.02 -0.94
CA ILE A 50 0.95 38.15 -1.07
C ILE A 50 2.20 37.73 -1.82
N GLY A 51 2.74 36.56 -1.48
CA GLY A 51 3.93 36.08 -2.19
C GLY A 51 3.68 35.90 -3.67
N PHE A 52 2.54 35.29 -4.03
CA PHE A 52 2.19 35.17 -5.44
C PHE A 52 1.73 36.50 -6.02
N GLY A 53 1.11 37.35 -5.21
CA GLY A 53 0.73 38.67 -5.69
C GLY A 53 1.92 39.51 -6.10
N MET A 54 2.97 39.50 -5.27
CA MET A 54 4.21 40.18 -5.64
C MET A 54 4.82 39.55 -6.89
N ASN A 55 4.82 38.21 -6.95
CA ASN A 55 5.30 37.53 -8.16
C ASN A 55 4.45 37.89 -9.37
N SER A 56 3.13 37.97 -9.18
CA SER A 56 2.25 38.37 -10.28
C SER A 56 2.59 39.77 -10.76
N ALA A 57 2.83 40.70 -9.82
CA ALA A 57 3.22 42.05 -10.21
C ALA A 57 4.54 42.04 -10.97
N THR A 58 5.46 41.15 -10.58
CA THR A 58 6.73 41.04 -11.31
C THR A 58 6.49 40.66 -12.76
N GLU A 59 5.57 39.71 -13.01
CA GLU A 59 5.28 39.32 -14.38
C GLU A 59 4.69 40.46 -15.18
N VAL A 60 4.03 41.42 -14.51
CA VAL A 60 3.52 42.59 -15.21
C VAL A 60 4.66 43.51 -15.64
N SER A 61 5.67 43.67 -14.78
CA SER A 61 6.72 44.64 -15.04
C SER A 61 7.55 44.28 -16.27
N VAL A 62 7.61 43.00 -16.62
CA VAL A 62 8.44 42.60 -17.76
C VAL A 62 7.94 43.24 -19.05
N ALA A 63 6.63 43.27 -19.24
CA ALA A 63 6.07 43.94 -20.41
C ALA A 63 6.41 45.42 -20.39
N LYS A 64 6.31 46.05 -19.22
CA LYS A 64 6.76 47.43 -19.09
C LYS A 64 8.27 47.56 -19.25
N LEU A 65 9.02 46.55 -18.79
CA LEU A 65 10.47 46.61 -18.90
C LEU A 65 10.93 46.65 -20.36
N ILE A 66 10.32 45.82 -21.21
CA ILE A 66 10.71 45.78 -22.62
C ILE A 66 10.41 47.13 -23.27
N LYS A 67 9.23 47.68 -23.01
CA LYS A 67 8.88 48.98 -23.58
C LYS A 67 9.83 50.06 -23.09
N PHE A 68 10.16 50.04 -21.80
CA PHE A 68 11.05 51.06 -21.25
C PHE A 68 12.44 50.98 -21.88
N ILE A 69 12.99 49.77 -22.00
CA ILE A 69 14.33 49.63 -22.57
C ILE A 69 14.32 50.02 -24.04
N ILE A 70 13.28 49.65 -24.78
CA ILE A 70 13.22 49.99 -26.19
C ILE A 70 13.09 51.50 -26.38
N ASP A 71 12.27 52.15 -25.55
CA ASP A 71 12.15 53.60 -25.63
C ASP A 71 13.47 54.28 -25.31
N ALA A 72 14.15 53.80 -24.27
CA ALA A 72 15.43 54.40 -23.89
C ALA A 72 16.48 54.21 -24.99
N ILE A 73 16.59 52.98 -25.50
CA ILE A 73 17.59 52.70 -26.53
C ILE A 73 17.21 53.36 -27.84
N GLN A 74 15.93 53.37 -28.19
CA GLN A 74 15.49 53.96 -29.46
C GLN A 74 15.80 55.45 -29.49
N ASN A 75 15.59 56.14 -28.36
CA ASN A 75 15.88 57.57 -28.27
C ASN A 75 17.35 57.85 -27.98
N ALA A 76 18.18 56.82 -27.84
CA ALA A 76 19.61 56.99 -27.55
C ALA A 76 19.82 57.65 -26.20
N SER A 77 18.88 57.45 -25.27
CA SER A 77 19.03 58.00 -23.93
C SER A 77 20.12 57.26 -23.17
N ARG A 78 20.73 57.97 -22.23
CA ARG A 78 21.78 57.41 -21.38
C ARG A 78 21.43 57.35 -19.91
N ALA A 79 20.64 58.31 -19.41
CA ALA A 79 20.27 58.29 -18.00
C ALA A 79 19.44 57.05 -17.67
N ASP A 80 18.49 56.70 -18.54
CA ASP A 80 17.63 55.55 -18.34
C ASP A 80 18.18 54.27 -18.99
N LEU A 81 19.34 54.35 -19.63
CA LEU A 81 19.95 53.18 -20.27
C LEU A 81 20.92 52.47 -19.34
N ASP A 82 21.90 53.20 -18.82
CA ASP A 82 22.85 52.60 -17.87
C ASP A 82 22.17 52.19 -16.57
N TRP A 83 20.98 52.72 -16.28
CA TRP A 83 20.23 52.34 -15.10
C TRP A 83 19.44 51.06 -15.30
N PHE A 84 19.29 50.59 -16.54
CA PHE A 84 18.55 49.36 -16.79
C PHE A 84 19.11 48.15 -16.07
N PRO A 85 20.43 47.90 -16.05
CA PRO A 85 20.92 46.67 -15.40
C PRO A 85 20.47 46.52 -13.95
N LEU A 86 20.30 47.62 -13.22
CA LEU A 86 19.83 47.53 -11.85
C LEU A 86 18.38 47.08 -11.74
N LEU A 87 17.63 47.07 -12.84
CA LEU A 87 16.23 46.69 -12.83
C LEU A 87 16.02 45.20 -13.08
N ILE A 88 17.09 44.42 -13.27
CA ILE A 88 16.99 42.99 -13.47
C ILE A 88 17.25 42.22 -12.18
N ILE A 89 18.35 42.53 -11.50
CA ILE A 89 18.63 41.88 -10.22
C ILE A 89 17.55 42.22 -9.21
N LEU A 90 17.12 43.48 -9.17
CA LEU A 90 16.04 43.87 -8.26
C LEU A 90 14.73 43.20 -8.67
N LEU A 91 14.44 43.16 -9.96
CA LEU A 91 13.20 42.53 -10.42
C LEU A 91 13.20 41.03 -10.13
N VAL A 92 14.33 40.36 -10.37
CA VAL A 92 14.39 38.92 -10.12
C VAL A 92 14.26 38.62 -8.63
N PHE A 93 14.78 39.50 -7.78
CA PHE A 93 14.64 39.30 -6.34
C PHE A 93 13.19 39.11 -5.95
N PHE A 94 12.28 39.86 -6.59
CA PHE A 94 10.86 39.65 -6.36
C PHE A 94 10.39 38.30 -6.90
N ARG A 95 10.96 37.85 -8.01
CA ARG A 95 10.72 36.49 -8.49
C ARG A 95 11.33 35.44 -7.55
N GLY A 96 12.17 35.86 -6.61
CA GLY A 96 12.71 34.97 -5.61
C GLY A 96 11.95 35.13 -4.31
N LEU A 97 12.49 35.91 -3.39
CA LEU A 97 11.74 36.27 -2.19
C LEU A 97 10.34 36.71 -2.57
N GLY A 98 9.35 36.00 -2.04
CA GLY A 98 7.97 36.18 -2.45
C GLY A 98 7.47 34.94 -3.19
N LEU A 99 8.30 34.42 -4.09
CA LEU A 99 8.00 33.13 -4.70
C LEU A 99 8.32 31.99 -3.75
N PHE A 100 9.45 32.08 -3.06
CA PHE A 100 9.82 31.04 -2.08
C PHE A 100 8.86 31.05 -0.90
N MET A 101 8.62 32.21 -0.30
CA MET A 101 7.77 32.29 0.88
C MET A 101 6.37 31.79 0.55
N GLY A 102 5.79 32.30 -0.53
CA GLY A 102 4.49 31.81 -0.96
C GLY A 102 4.55 30.42 -1.55
N GLY A 103 5.65 30.09 -2.22
CA GLY A 103 5.80 28.74 -2.77
C GLY A 103 5.93 27.68 -1.71
N TYR A 104 6.66 27.97 -0.63
CA TYR A 104 6.82 26.99 0.45
C TYR A 104 5.56 26.87 1.29
N TYR A 105 4.77 27.93 1.39
CA TYR A 105 3.56 27.89 2.19
C TYR A 105 2.53 26.95 1.58
N THR A 106 2.51 26.83 0.25
CA THR A 106 1.55 25.92 -0.39
C THR A 106 1.76 24.50 0.11
N ALA A 107 3.02 24.04 0.13
CA ALA A 107 3.29 22.70 0.64
C ALA A 107 2.87 22.57 2.10
N VAL A 108 3.15 23.59 2.90
CA VAL A 108 2.80 23.53 4.32
C VAL A 108 1.30 23.35 4.50
N ILE A 109 0.50 24.17 3.81
CA ILE A 109 -0.95 24.10 3.98
C ILE A 109 -1.48 22.75 3.53
N SER A 110 -1.12 22.34 2.31
CA SER A 110 -1.64 21.10 1.76
C SER A 110 -1.16 19.89 2.56
N ARG A 111 0.14 19.85 2.89
CA ARG A 111 0.67 18.71 3.65
C ARG A 111 0.04 18.64 5.04
N SER A 112 -0.13 19.79 5.69
CA SER A 112 -0.77 19.79 7.01
C SER A 112 -2.22 19.34 6.91
N LEU A 113 -2.95 19.79 5.89
CA LEU A 113 -4.34 19.37 5.72
C LEU A 113 -4.43 17.87 5.50
N VAL A 114 -3.57 17.32 4.65
CA VAL A 114 -3.59 15.88 4.40
C VAL A 114 -3.19 15.12 5.66
N PHE A 115 -2.25 15.68 6.44
CA PHE A 115 -1.86 15.03 7.68
C PHE A 115 -3.04 14.87 8.63
N SER A 116 -3.87 15.91 8.72
CA SER A 116 -5.10 15.82 9.51
C SER A 116 -6.16 14.95 8.85
N ILE A 117 -5.97 14.57 7.59
CA ILE A 117 -6.93 13.72 6.89
C ILE A 117 -6.59 12.27 7.16
N ARG A 118 -5.38 11.85 6.79
CA ARG A 118 -4.99 10.46 7.00
C ARG A 118 -5.00 10.10 8.48
N GLN A 119 -4.56 11.02 9.34
CA GLN A 119 -4.60 10.77 10.77
C GLN A 119 -6.05 10.61 11.25
N GLU A 120 -6.96 11.46 10.76
CA GLU A 120 -8.35 11.34 11.14
C GLU A 120 -9.02 10.16 10.46
N VAL A 121 -8.56 9.77 9.28
CA VAL A 121 -9.10 8.60 8.60
C VAL A 121 -8.81 7.35 9.42
N TYR A 122 -7.64 7.30 10.05
CA TYR A 122 -7.26 6.12 10.83
C TYR A 122 -8.24 5.85 11.95
N ALA A 123 -8.70 6.89 12.64
CA ALA A 123 -9.62 6.71 13.75
C ALA A 123 -10.90 6.03 13.31
N LYS A 124 -11.53 6.53 12.24
CA LYS A 124 -12.76 5.92 11.77
C LYS A 124 -12.52 4.51 11.27
N LEU A 125 -11.40 4.29 10.58
CA LEU A 125 -11.11 2.94 10.09
C LEU A 125 -10.99 1.95 11.24
N LEU A 126 -10.34 2.36 12.33
CA LEU A 126 -10.22 1.49 13.49
C LEU A 126 -11.56 1.32 14.20
N ARG A 127 -12.41 2.34 14.18
CA ARG A 127 -13.72 2.27 14.82
C ARG A 127 -14.78 1.61 13.95
N LEU A 128 -14.45 1.25 12.71
CA LEU A 128 -15.42 0.64 11.83
C LEU A 128 -15.81 -0.76 12.34
N PRO A 129 -17.00 -1.24 11.98
CA PRO A 129 -17.43 -2.55 12.45
C PRO A 129 -16.65 -3.67 11.80
N ALA A 130 -16.65 -4.83 12.47
CA ALA A 130 -15.94 -5.98 11.95
C ALA A 130 -16.49 -6.44 10.61
N GLN A 131 -17.77 -6.15 10.34
CA GLN A 131 -18.36 -6.55 9.06
C GLN A 131 -17.65 -5.88 7.89
N TYR A 132 -17.30 -4.60 8.03
CA TYR A 132 -16.59 -3.91 6.97
C TYR A 132 -15.26 -4.57 6.68
N TYR A 133 -14.55 -5.01 7.73
CA TYR A 133 -13.29 -5.70 7.55
C TYR A 133 -13.49 -6.99 6.75
N LEU A 134 -14.56 -7.72 7.04
CA LEU A 134 -14.83 -8.96 6.32
C LEU A 134 -15.11 -8.69 4.84
N ASP A 135 -15.92 -7.68 4.54
CA ASP A 135 -16.30 -7.42 3.16
C ASP A 135 -15.10 -7.07 2.30
N ASN A 136 -14.22 -6.22 2.81
CA ASN A 136 -13.07 -5.72 2.06
C ASN A 136 -11.80 -6.34 2.63
N SER A 137 -10.99 -6.94 1.75
CA SER A 137 -9.72 -7.52 2.17
C SER A 137 -8.76 -6.42 2.60
N SER A 138 -7.59 -6.83 3.09
CA SER A 138 -6.59 -5.86 3.55
C SER A 138 -6.10 -4.99 2.39
N GLY A 139 -5.91 -5.58 1.22
CA GLY A 139 -5.40 -4.82 0.09
C GLY A 139 -6.31 -3.67 -0.31
N HIS A 140 -7.62 -3.92 -0.34
CA HIS A 140 -8.55 -2.86 -0.69
C HIS A 140 -8.55 -1.76 0.37
N ILE A 141 -8.54 -2.14 1.64
CA ILE A 141 -8.60 -1.14 2.72
C ILE A 141 -7.30 -0.36 2.80
N THR A 142 -6.16 -1.04 2.73
CA THR A 142 -4.88 -0.35 2.86
C THR A 142 -4.67 0.64 1.72
N ALA A 143 -5.07 0.25 0.51
CA ALA A 143 -4.91 1.14 -0.65
C ALA A 143 -5.75 2.40 -0.52
N LYS A 144 -6.75 2.41 0.36
CA LYS A 144 -7.62 3.57 0.53
C LYS A 144 -6.99 4.65 1.39
N ILE A 145 -5.85 4.39 2.03
CA ILE A 145 -5.18 5.40 2.83
C ILE A 145 -3.73 5.54 2.37
N MET A 146 -3.17 4.47 1.80
CA MET A 146 -1.78 4.48 1.33
C MET A 146 -1.64 4.96 -0.11
N TYR A 147 -2.64 4.73 -0.96
CA TYR A 147 -2.65 5.23 -2.33
C TYR A 147 -3.74 6.27 -2.57
N ASN A 148 -4.97 5.99 -2.13
CA ASN A 148 -6.06 6.93 -2.33
C ASN A 148 -5.74 8.28 -1.69
N VAL A 149 -5.36 8.27 -0.42
CA VAL A 149 -4.99 9.52 0.26
C VAL A 149 -3.66 10.03 -0.26
N GLU A 150 -2.73 9.12 -0.59
CA GLU A 150 -1.41 9.55 -1.05
C GLU A 150 -1.50 10.37 -2.31
N GLN A 151 -2.33 9.94 -3.27
CA GLN A 151 -2.51 10.73 -4.49
C GLN A 151 -3.08 12.10 -4.19
N LEU A 152 -3.92 12.20 -3.16
CA LEU A 152 -4.49 13.50 -2.79
C LEU A 152 -3.38 14.46 -2.37
N THR A 153 -2.27 13.96 -1.84
CA THR A 153 -1.17 14.82 -1.43
C THR A 153 -0.53 15.49 -2.64
N ALA A 154 -0.01 14.70 -3.57
CA ALA A 154 0.60 15.27 -4.77
C ALA A 154 -0.43 16.00 -5.63
N ALA A 155 -1.68 15.53 -5.62
CA ALA A 155 -2.73 16.18 -6.38
C ALA A 155 -3.20 17.48 -5.75
N SER A 156 -2.74 17.80 -4.53
CA SER A 156 -3.11 19.03 -3.85
C SER A 156 -1.92 19.91 -3.55
N SER A 157 -0.83 19.35 -3.01
CA SER A 157 0.33 20.16 -2.66
C SER A 157 0.94 20.81 -3.90
N GLU A 158 1.23 20.01 -4.93
CA GLU A 158 1.80 20.54 -6.15
C GLU A 158 0.74 21.11 -7.10
N SER A 159 -0.54 20.87 -6.84
CA SER A 159 -1.61 21.41 -7.66
C SER A 159 -2.10 22.75 -7.15
N LEU A 160 -2.18 22.92 -5.84
CA LEU A 160 -2.65 24.19 -5.28
C LEU A 160 -1.72 25.34 -5.65
N LYS A 161 -0.41 25.08 -5.62
CA LYS A 161 0.56 26.10 -6.04
C LYS A 161 0.38 26.43 -7.51
N THR A 162 0.22 25.41 -8.35
CA THR A 162 0.14 25.64 -9.79
C THR A 162 -1.12 26.43 -10.14
N ILE A 163 -2.26 26.08 -9.53
CA ILE A 163 -3.49 26.81 -9.82
C ILE A 163 -3.37 28.26 -9.31
N VAL A 164 -2.82 28.44 -8.12
CA VAL A 164 -2.68 29.79 -7.58
C VAL A 164 -1.81 30.64 -8.48
N ARG A 165 -0.73 30.06 -9.01
CA ARG A 165 0.13 30.79 -9.94
C ARG A 165 -0.61 31.09 -11.25
N ASP A 166 -0.99 30.04 -11.98
CA ASP A 166 -1.71 30.19 -13.24
C ASP A 166 -2.98 31.00 -13.10
N GLY A 167 -3.37 31.35 -11.88
CA GLY A 167 -4.41 32.30 -11.57
C GLY A 167 -3.79 33.66 -11.34
N MET A 168 -3.45 33.99 -10.10
CA MET A 168 -2.94 35.32 -9.78
C MET A 168 -2.08 35.93 -10.89
N ILE A 169 -1.09 35.18 -11.40
CA ILE A 169 -0.18 35.76 -12.40
C ILE A 169 -0.95 36.14 -13.67
N THR A 170 -1.80 35.22 -14.15
CA THR A 170 -2.55 35.49 -15.38
C THR A 170 -3.55 36.62 -15.18
N LEU A 171 -4.22 36.64 -14.02
CA LEU A 171 -5.19 37.68 -13.74
C LEU A 171 -4.52 39.05 -13.70
N GLY A 172 -3.37 39.15 -13.04
CA GLY A 172 -2.65 40.41 -13.02
C GLY A 172 -2.18 40.84 -14.39
N LEU A 173 -1.61 39.90 -15.15
CA LEU A 173 -1.13 40.25 -16.48
C LEU A 173 -2.27 40.69 -17.39
N LEU A 174 -3.42 40.00 -17.29
CA LEU A 174 -4.57 40.37 -18.10
C LEU A 174 -5.15 41.72 -17.68
N GLY A 175 -5.14 42.01 -16.38
CA GLY A 175 -5.56 43.32 -15.92
C GLY A 175 -4.67 44.42 -16.45
N TYR A 176 -3.36 44.18 -16.45
CA TYR A 176 -2.44 45.13 -17.08
C TYR A 176 -2.71 45.27 -18.57
N LEU A 177 -2.99 44.14 -19.24
CA LEU A 177 -3.23 44.16 -20.67
C LEU A 177 -4.47 44.99 -21.01
N PHE A 178 -5.54 44.83 -20.22
CA PHE A 178 -6.75 45.62 -20.43
C PHE A 178 -6.47 47.11 -20.20
N TYR A 179 -5.69 47.43 -19.17
CA TYR A 179 -5.45 48.82 -18.82
C TYR A 179 -4.73 49.55 -19.97
N THR A 180 -3.69 48.93 -20.53
CA THR A 180 -2.95 49.58 -21.60
C THR A 180 -3.82 49.81 -22.82
N ASN A 181 -4.66 48.84 -23.18
CA ASN A 181 -5.56 48.99 -24.32
C ASN A 181 -6.75 48.05 -24.11
N TRP A 182 -7.87 48.61 -23.65
CA TRP A 182 -9.07 47.80 -23.44
C TRP A 182 -9.78 47.49 -24.75
N ARG A 183 -9.72 48.41 -25.73
CA ARG A 183 -10.45 48.22 -26.97
C ARG A 183 -10.04 46.92 -27.66
N LEU A 184 -8.74 46.67 -27.76
CA LEU A 184 -8.26 45.51 -28.48
C LEU A 184 -8.45 44.24 -27.66
N THR A 185 -8.23 44.32 -26.35
CA THR A 185 -8.31 43.13 -25.50
C THR A 185 -9.72 42.58 -25.43
N ILE A 186 -10.74 43.42 -25.61
CA ILE A 186 -12.12 42.98 -25.48
C ILE A 186 -12.42 41.88 -26.50
N CYS A 187 -11.72 41.87 -27.63
CA CYS A 187 -11.92 40.84 -28.62
C CYS A 187 -11.63 39.44 -28.07
N ILE A 188 -10.82 39.35 -27.01
CA ILE A 188 -10.49 38.04 -26.44
C ILE A 188 -11.73 37.37 -25.89
N MET A 189 -12.73 38.16 -25.48
CA MET A 189 -13.93 37.59 -24.88
C MET A 189 -14.91 37.13 -25.97
N VAL A 190 -14.41 36.31 -26.90
CA VAL A 190 -15.24 35.61 -27.86
C VAL A 190 -14.93 34.12 -27.89
N PHE A 191 -13.64 33.77 -27.87
CA PHE A 191 -13.22 32.37 -27.82
C PHE A 191 -13.35 31.76 -26.43
N LEU A 192 -13.56 32.57 -25.40
CA LEU A 192 -13.63 32.04 -24.03
C LEU A 192 -14.58 30.86 -23.91
N PRO A 193 -15.80 30.89 -24.46
CA PRO A 193 -16.63 29.67 -24.43
C PRO A 193 -15.97 28.49 -25.11
N VAL A 194 -15.19 28.73 -26.17
CA VAL A 194 -14.54 27.61 -26.86
C VAL A 194 -13.55 26.92 -25.92
N ILE A 195 -12.69 27.70 -25.26
CA ILE A 195 -11.73 27.12 -24.33
C ILE A 195 -12.45 26.46 -23.16
N GLY A 196 -13.53 27.09 -22.68
CA GLY A 196 -14.29 26.50 -21.60
C GLY A 196 -14.87 25.14 -21.95
N ILE A 197 -15.45 25.03 -23.15
CA ILE A 197 -16.01 23.76 -23.59
C ILE A 197 -14.90 22.73 -23.79
N LEU A 198 -13.80 23.13 -24.44
CA LEU A 198 -12.71 22.19 -24.68
C LEU A 198 -12.11 21.69 -23.37
N VAL A 199 -12.11 22.52 -22.33
CA VAL A 199 -11.62 22.11 -21.03
C VAL A 199 -12.70 21.40 -20.22
N ARG A 200 -13.92 21.95 -20.21
CA ARG A 200 -15.02 21.32 -19.48
C ARG A 200 -15.33 19.93 -20.04
N LYS A 201 -15.40 19.82 -21.36
CA LYS A 201 -15.67 18.52 -21.98
C LYS A 201 -14.55 17.54 -21.70
N ALA A 202 -13.30 18.00 -21.78
CA ALA A 202 -12.14 17.14 -21.54
C ALA A 202 -11.92 16.83 -20.07
N SER A 203 -12.61 17.53 -19.16
CA SER A 203 -12.41 17.30 -17.74
C SER A 203 -13.24 16.12 -17.23
N LYS A 204 -14.51 16.05 -17.64
CA LYS A 204 -15.37 14.96 -17.18
C LYS A 204 -14.87 13.61 -17.66
N ARG A 205 -14.27 13.56 -18.85
CA ARG A 205 -13.72 12.30 -19.35
C ARG A 205 -12.66 11.75 -18.39
N MET A 206 -11.72 12.60 -17.99
CA MET A 206 -10.68 12.16 -17.05
C MET A 206 -11.27 11.88 -15.67
N ARG A 207 -12.24 12.70 -15.25
CA ARG A 207 -12.86 12.47 -13.94
C ARG A 207 -13.49 11.09 -13.87
N LYS A 208 -14.22 10.71 -14.93
CA LYS A 208 -14.76 9.35 -14.99
C LYS A 208 -13.65 8.32 -15.08
N LEU A 209 -12.61 8.61 -15.88
CA LEU A 209 -11.50 7.67 -16.00
C LEU A 209 -10.61 7.69 -14.76
N SER A 210 -10.58 8.82 -14.03
CA SER A 210 -9.73 8.92 -12.85
C SER A 210 -10.17 7.91 -11.79
N MET A 211 -11.48 7.75 -11.60
CA MET A 211 -11.97 6.75 -10.66
C MET A 211 -11.65 5.34 -11.13
N GLN A 212 -11.70 5.09 -12.44
CA GLN A 212 -11.44 3.75 -12.95
C GLN A 212 -10.01 3.30 -12.64
N VAL A 213 -9.03 4.17 -12.87
CA VAL A 213 -7.64 3.80 -12.62
C VAL A 213 -7.41 3.56 -11.13
N GLN A 214 -8.04 4.36 -10.27
CA GLN A 214 -7.92 4.14 -8.84
C GLN A 214 -8.50 2.79 -8.44
N ASP A 215 -9.65 2.43 -9.02
CA ASP A 215 -10.26 1.14 -8.71
C ASP A 215 -9.35 0.00 -9.16
N THR A 216 -8.73 0.14 -10.34
CA THR A 216 -7.82 -0.90 -10.82
C THR A 216 -6.64 -1.08 -9.86
N MET A 217 -6.13 0.03 -9.31
CA MET A 217 -5.00 -0.08 -8.39
C MET A 217 -5.36 -0.90 -7.15
N GLY A 218 -6.60 -0.74 -6.66
CA GLY A 218 -7.01 -1.55 -5.52
C GLY A 218 -6.91 -3.04 -5.81
N ASP A 219 -7.27 -3.45 -7.03
CA ASP A 219 -7.08 -4.83 -7.42
C ASP A 219 -5.61 -5.21 -7.42
N VAL A 220 -4.74 -4.30 -7.90
CA VAL A 220 -3.31 -4.58 -7.91
C VAL A 220 -2.81 -4.77 -6.48
N ASN A 221 -3.24 -3.90 -5.57
CA ASN A 221 -2.84 -4.05 -4.17
C ASN A 221 -3.41 -5.34 -3.58
N HIS A 222 -4.63 -5.70 -3.96
CA HIS A 222 -5.27 -6.90 -3.41
C HIS A 222 -4.47 -8.15 -3.74
N VAL A 223 -4.00 -8.27 -4.99
CA VAL A 223 -3.25 -9.45 -5.39
C VAL A 223 -1.95 -9.56 -4.59
N VAL A 224 -1.24 -8.45 -4.45
CA VAL A 224 0.04 -8.48 -3.73
C VAL A 224 -0.17 -8.83 -2.27
N GLN A 225 -1.18 -8.24 -1.63
CA GLN A 225 -1.42 -8.51 -0.22
C GLN A 225 -1.84 -9.97 -0.01
N GLU A 226 -2.72 -10.49 -0.86
CA GLU A 226 -3.13 -11.88 -0.73
C GLU A 226 -1.96 -12.82 -0.97
N SER A 227 -1.11 -12.50 -1.95
CA SER A 227 0.08 -13.32 -2.19
C SER A 227 1.01 -13.31 -0.98
N ILE A 228 1.21 -12.14 -0.36
CA ILE A 228 2.04 -12.07 0.83
C ILE A 228 1.43 -12.92 1.94
N ASN A 229 0.11 -12.83 2.12
CA ASN A 229 -0.55 -13.59 3.18
C ASN A 229 -0.42 -15.09 2.95
N GLY A 230 -0.61 -15.54 1.71
CA GLY A 230 -0.64 -16.95 1.38
C GLY A 230 0.62 -17.54 0.81
N ASN A 231 1.75 -16.82 0.89
CA ASN A 231 3.03 -17.34 0.44
C ASN A 231 3.21 -18.82 0.79
N ALA A 232 2.82 -19.22 2.00
CA ALA A 232 2.87 -20.63 2.35
C ALA A 232 1.99 -21.46 1.43
N VAL A 233 0.77 -20.98 1.16
CA VAL A 233 -0.13 -21.67 0.24
C VAL A 233 0.38 -21.54 -1.19
N VAL A 234 0.86 -20.34 -1.57
CA VAL A 234 1.29 -20.10 -2.94
C VAL A 234 2.45 -21.03 -3.30
N LYS A 235 3.44 -21.11 -2.43
CA LYS A 235 4.59 -21.97 -2.70
C LYS A 235 4.21 -23.44 -2.66
N SER A 236 3.36 -23.83 -1.71
CA SER A 236 3.03 -25.24 -1.54
C SER A 236 2.37 -25.81 -2.79
N PHE A 237 1.44 -25.07 -3.38
CA PHE A 237 0.67 -25.55 -4.53
C PHE A 237 1.22 -25.05 -5.86
N ALA A 238 2.40 -24.45 -5.86
CA ALA A 238 3.02 -23.96 -7.09
C ALA A 238 2.09 -23.02 -7.84
N GLY A 239 1.44 -22.12 -7.09
CA GLY A 239 0.50 -21.18 -7.64
C GLY A 239 1.10 -19.86 -8.08
N GLU A 240 2.44 -19.76 -8.13
CA GLU A 240 3.07 -18.50 -8.51
C GLU A 240 2.71 -18.11 -9.93
N GLU A 241 2.64 -19.09 -10.84
CA GLU A 241 2.27 -18.78 -12.23
C GLU A 241 0.85 -18.24 -12.32
N SER A 242 -0.08 -18.83 -11.56
CA SER A 242 -1.45 -18.35 -11.58
C SER A 242 -1.55 -16.94 -11.03
N GLU A 243 -0.83 -16.65 -9.95
CA GLU A 243 -0.87 -15.31 -9.37
C GLU A 243 -0.33 -14.27 -10.34
N GLN A 244 0.71 -14.61 -11.10
CA GLN A 244 1.30 -13.65 -12.03
C GLN A 244 0.29 -13.23 -13.08
N GLU A 245 -0.50 -14.17 -13.60
CA GLU A 245 -1.46 -13.85 -14.66
C GLU A 245 -2.47 -12.81 -14.17
N ARG A 246 -3.02 -13.00 -12.97
CA ARG A 246 -3.96 -12.03 -12.42
C ARG A 246 -3.28 -10.70 -12.17
N PHE A 247 -2.10 -10.72 -11.54
CA PHE A 247 -1.35 -9.49 -11.34
C PHE A 247 -0.95 -8.87 -12.66
N TYR A 248 -0.51 -9.69 -13.62
CA TYR A 248 -0.16 -9.17 -14.93
C TYR A 248 -1.36 -8.53 -15.62
N LYS A 249 -2.53 -9.18 -15.54
CA LYS A 249 -3.72 -8.61 -16.16
C LYS A 249 -4.10 -7.28 -15.50
N SER A 250 -4.05 -7.22 -14.17
CA SER A 250 -4.37 -5.98 -13.49
C SER A 250 -3.39 -4.87 -13.86
N SER A 251 -2.10 -5.19 -13.92
CA SER A 251 -1.11 -4.19 -14.28
C SER A 251 -1.31 -3.71 -15.71
N GLU A 252 -1.63 -4.63 -16.63
CA GLU A 252 -1.89 -4.23 -18.01
C GLU A 252 -3.12 -3.33 -18.09
N GLU A 253 -4.18 -3.66 -17.35
CA GLU A 253 -5.37 -2.81 -17.36
C GLU A 253 -5.04 -1.42 -16.81
N ASN A 254 -4.28 -1.36 -15.72
CA ASN A 254 -3.90 -0.07 -15.16
C ASN A 254 -3.06 0.74 -16.14
N LEU A 255 -2.12 0.08 -16.81
CA LEU A 255 -1.29 0.77 -17.79
C LEU A 255 -2.13 1.30 -18.94
N LYS A 256 -3.08 0.50 -19.43
CA LYS A 256 -3.93 0.96 -20.53
C LYS A 256 -4.79 2.14 -20.09
N ARG A 257 -5.35 2.07 -18.88
CA ARG A 257 -6.15 3.19 -18.39
C ARG A 257 -5.32 4.45 -18.25
N GLY A 258 -4.11 4.33 -17.71
CA GLY A 258 -3.24 5.49 -17.59
C GLY A 258 -2.86 6.06 -18.93
N LEU A 259 -2.57 5.20 -19.90
CA LEU A 259 -2.23 5.68 -21.24
C LEU A 259 -3.41 6.40 -21.88
N LYS A 260 -4.62 5.85 -21.71
CA LYS A 260 -5.80 6.52 -22.25
C LYS A 260 -6.02 7.87 -21.59
N MET A 261 -5.79 7.95 -20.28
CA MET A 261 -5.89 9.23 -19.59
C MET A 261 -4.86 10.22 -20.12
N VAL A 262 -3.64 9.74 -20.39
CA VAL A 262 -2.59 10.61 -20.90
C VAL A 262 -2.97 11.20 -22.24
N ILE A 263 -3.65 10.41 -23.08
CA ILE A 263 -4.07 10.90 -24.39
C ILE A 263 -4.99 12.11 -24.24
N VAL A 264 -5.95 12.03 -23.32
CA VAL A 264 -6.89 13.13 -23.13
C VAL A 264 -6.15 14.40 -22.69
N GLN A 265 -5.20 14.26 -21.78
CA GLN A 265 -4.51 15.42 -21.23
C GLN A 265 -3.64 16.10 -22.29
N ASN A 266 -2.67 15.36 -22.84
CA ASN A 266 -1.74 15.97 -23.78
C ASN A 266 -2.42 16.48 -25.04
N LEU A 267 -3.61 15.96 -25.37
CA LEU A 267 -4.36 16.45 -26.53
C LEU A 267 -5.13 17.72 -26.24
N ASN A 268 -5.16 18.17 -24.99
CA ASN A 268 -5.93 19.37 -24.63
C ASN A 268 -5.05 20.62 -24.59
N SER A 269 -3.89 20.55 -23.93
CA SER A 269 -3.06 21.74 -23.78
C SER A 269 -2.62 22.33 -25.11
N PRO A 270 -2.13 21.55 -26.09
CA PRO A 270 -1.81 22.18 -27.39
C PRO A 270 -3.01 22.78 -28.09
N VAL A 271 -4.19 22.15 -27.95
CA VAL A 271 -5.37 22.63 -28.67
C VAL A 271 -5.82 23.98 -28.14
N VAL A 272 -5.86 24.14 -26.81
CA VAL A 272 -6.28 25.42 -26.25
C VAL A 272 -5.33 26.53 -26.68
N GLN A 273 -4.06 26.20 -26.92
CA GLN A 273 -3.12 27.18 -27.45
C GLN A 273 -3.46 27.54 -28.89
N VAL A 274 -3.95 26.56 -29.67
CA VAL A 274 -4.25 26.80 -31.08
C VAL A 274 -5.39 27.81 -31.21
N VAL A 275 -6.47 27.63 -30.43
CA VAL A 275 -7.58 28.57 -30.49
C VAL A 275 -7.17 29.94 -29.97
N MET A 276 -6.41 29.97 -28.88
CA MET A 276 -5.90 31.23 -28.35
C MET A 276 -4.92 31.88 -29.31
N ALA A 277 -4.11 31.06 -29.99
CA ALA A 277 -3.22 31.58 -31.02
C ALA A 277 -4.00 32.19 -32.17
N CYS A 278 -5.11 31.56 -32.56
CA CYS A 278 -5.96 32.14 -33.60
C CYS A 278 -6.58 33.45 -33.14
N ALA A 279 -6.97 33.51 -31.86
CA ALA A 279 -7.49 34.76 -31.32
C ALA A 279 -6.44 35.86 -31.42
N MET A 280 -5.19 35.55 -31.08
CA MET A 280 -4.13 36.55 -31.17
C MET A 280 -3.83 36.91 -32.62
N ALA A 281 -3.92 35.95 -33.53
CA ALA A 281 -3.74 36.28 -34.95
C ALA A 281 -4.81 37.25 -35.41
N LEU A 282 -6.07 36.99 -35.05
CA LEU A 282 -7.16 37.87 -35.45
C LEU A 282 -7.00 39.27 -34.84
N ILE A 283 -6.64 39.34 -33.56
CA ILE A 283 -6.53 40.65 -32.91
C ILE A 283 -5.36 41.42 -33.50
N VAL A 284 -4.25 40.74 -33.81
CA VAL A 284 -3.12 41.42 -34.44
C VAL A 284 -3.50 41.91 -35.83
N TRP A 285 -4.25 41.10 -36.59
CA TRP A 285 -4.70 41.54 -37.90
C TRP A 285 -5.58 42.78 -37.78
N LEU A 286 -6.50 42.79 -36.81
CA LEU A 286 -7.34 43.96 -36.61
C LEU A 286 -6.52 45.18 -36.22
N ALA A 287 -5.51 44.98 -35.37
CA ALA A 287 -4.75 46.11 -34.83
C ALA A 287 -3.81 46.72 -35.86
N LEU A 288 -3.16 45.89 -36.68
CA LEU A 288 -2.08 46.33 -37.54
C LEU A 288 -2.55 46.96 -38.84
N ARG A 289 -3.81 47.39 -38.93
CA ARG A 289 -4.27 48.06 -40.14
C ARG A 289 -3.60 49.42 -40.27
N PRO A 290 -3.38 49.89 -41.51
CA PRO A 290 -2.66 51.16 -41.67
C PRO A 290 -3.32 52.33 -40.96
N GLN A 291 -4.66 52.38 -40.95
CA GLN A 291 -5.34 53.49 -40.29
C GLN A 291 -5.03 53.51 -38.79
N ILE A 292 -5.03 52.35 -38.15
CA ILE A 292 -4.71 52.27 -36.73
C ILE A 292 -3.22 52.41 -36.46
N LEU A 293 -2.38 52.29 -37.49
CA LEU A 293 -0.94 52.33 -37.35
C LEU A 293 -0.36 53.71 -37.63
N GLY A 294 -1.15 54.77 -37.41
CA GLY A 294 -0.64 56.11 -37.65
C GLY A 294 0.54 56.45 -36.76
N ASN A 295 0.42 56.16 -35.46
CA ASN A 295 1.50 56.34 -34.49
C ASN A 295 1.48 55.11 -33.57
N THR A 296 2.24 54.10 -33.95
CA THR A 296 2.19 52.82 -33.24
C THR A 296 3.04 52.84 -31.97
N THR A 297 4.19 53.50 -31.99
CA THR A 297 5.13 53.47 -30.87
C THR A 297 5.50 52.03 -30.54
N ALA A 298 6.20 51.41 -31.50
CA ALA A 298 6.48 49.97 -31.51
C ALA A 298 6.78 49.41 -30.13
N GLY A 299 7.47 50.19 -29.29
CA GLY A 299 7.80 49.71 -27.96
C GLY A 299 6.60 49.24 -27.17
N GLU A 300 5.43 49.84 -27.43
CA GLU A 300 4.23 49.43 -26.70
C GLU A 300 3.66 48.12 -27.24
N PHE A 301 3.70 47.92 -28.56
CA PHE A 301 3.13 46.71 -29.14
C PHE A 301 3.96 45.48 -28.79
N VAL A 302 5.28 45.61 -28.75
CA VAL A 302 6.12 44.50 -28.33
C VAL A 302 5.81 44.10 -26.90
N ALA A 303 5.49 45.09 -26.06
CA ALA A 303 5.01 44.77 -24.71
C ALA A 303 3.71 43.98 -24.79
N TYR A 304 2.84 44.33 -25.73
CA TYR A 304 1.61 43.56 -25.95
C TYR A 304 1.92 42.11 -26.26
N ILE A 305 2.88 41.88 -27.17
CA ILE A 305 3.23 40.51 -27.57
C ILE A 305 3.85 39.76 -26.40
N THR A 306 4.71 40.42 -25.63
CA THR A 306 5.32 39.77 -24.48
C THR A 306 4.27 39.38 -23.45
N ALA A 307 3.32 40.27 -23.18
CA ALA A 307 2.23 39.93 -22.27
C ALA A 307 1.42 38.77 -22.81
N ALA A 308 1.17 38.76 -24.12
CA ALA A 308 0.42 37.65 -24.73
C ALA A 308 1.14 36.33 -24.52
N GLY A 309 2.46 36.30 -24.74
CA GLY A 309 3.21 35.08 -24.55
C GLY A 309 3.26 34.63 -23.10
N LEU A 310 3.46 35.59 -22.18
CA LEU A 310 3.49 35.28 -20.76
C LEU A 310 2.12 34.97 -20.19
N LEU A 311 1.06 35.19 -20.97
CA LEU A 311 -0.25 34.65 -20.65
C LEU A 311 -0.46 33.27 -21.26
N SER A 312 0.11 33.04 -22.45
CA SER A 312 0.01 31.73 -23.08
C SER A 312 0.70 30.66 -22.26
N LYS A 313 1.89 30.97 -21.73
CA LYS A 313 2.63 29.96 -20.97
C LYS A 313 1.87 29.52 -19.73
N PRO A 314 1.40 30.40 -18.84
CA PRO A 314 0.69 29.94 -17.64
C PRO A 314 -0.60 29.20 -17.94
N VAL A 315 -1.34 29.55 -18.99
CA VAL A 315 -2.56 28.80 -19.30
C VAL A 315 -2.20 27.40 -19.77
N LYS A 316 -1.11 27.26 -20.53
CA LYS A 316 -0.63 25.93 -20.89
C LYS A 316 -0.25 25.13 -19.64
N ASN A 317 0.41 25.79 -18.67
CA ASN A 317 0.75 25.10 -17.44
C ASN A 317 -0.51 24.68 -16.68
N LEU A 318 -1.54 25.54 -16.67
CA LEU A 318 -2.79 25.21 -16.03
C LEU A 318 -3.43 23.98 -16.68
N THR A 319 -3.44 23.95 -18.00
CA THR A 319 -3.99 22.79 -18.70
C THR A 319 -3.20 21.53 -18.36
N ASP A 320 -1.86 21.66 -18.30
CA ASP A 320 -1.03 20.51 -17.97
C ASP A 320 -1.34 19.98 -16.57
N VAL A 321 -1.47 20.89 -15.59
CA VAL A 321 -1.75 20.47 -14.22
C VAL A 321 -3.20 20.08 -14.02
N ASN A 322 -4.05 20.30 -15.02
CA ASN A 322 -5.43 19.83 -14.94
C ASN A 322 -5.48 18.34 -14.63
N GLU A 323 -4.53 17.57 -15.15
CA GLU A 323 -4.53 16.13 -14.89
C GLU A 323 -4.33 15.85 -13.40
N LYS A 324 -3.34 16.47 -12.79
CA LYS A 324 -3.11 16.29 -11.36
C LYS A 324 -4.29 16.80 -10.55
N LEU A 325 -4.91 17.89 -10.99
CA LEU A 325 -6.08 18.42 -10.29
C LEU A 325 -7.22 17.42 -10.32
N GLN A 326 -7.47 16.82 -11.49
CA GLN A 326 -8.55 15.83 -11.60
C GLN A 326 -8.23 14.57 -10.83
N ARG A 327 -6.96 14.18 -10.74
CA ARG A 327 -6.60 12.99 -9.99
C ARG A 327 -7.00 13.11 -8.52
N GLY A 328 -6.78 14.30 -7.93
CA GLY A 328 -7.13 14.48 -6.53
C GLY A 328 -8.61 14.36 -6.27
N LEU A 329 -9.44 14.90 -7.17
CA LEU A 329 -10.88 14.90 -6.95
C LEU A 329 -11.41 13.48 -6.86
N ALA A 330 -10.97 12.58 -7.75
CA ALA A 330 -11.42 11.19 -7.69
C ALA A 330 -11.03 10.56 -6.37
N ALA A 331 -9.79 10.79 -5.92
CA ALA A 331 -9.37 10.27 -4.63
C ALA A 331 -10.18 10.86 -3.49
N ALA A 332 -10.49 12.16 -3.58
CA ALA A 332 -11.24 12.82 -2.51
C ALA A 332 -12.62 12.21 -2.35
N HIS A 333 -13.27 11.83 -3.46
CA HIS A 333 -14.60 11.26 -3.38
C HIS A 333 -14.58 9.95 -2.59
N SER A 334 -13.65 9.06 -2.92
CA SER A 334 -13.55 7.80 -2.20
C SER A 334 -13.16 8.03 -0.74
N VAL A 335 -12.26 8.98 -0.49
CA VAL A 335 -11.87 9.27 0.88
C VAL A 335 -13.07 9.71 1.70
N PHE A 336 -13.88 10.62 1.14
CA PHE A 336 -15.02 11.12 1.89
C PHE A 336 -16.11 10.08 2.01
N GLU A 337 -16.23 9.17 1.04
CA GLU A 337 -17.13 8.04 1.22
C GLU A 337 -16.70 7.19 2.40
N LEU A 338 -15.39 6.94 2.53
CA LEU A 338 -14.87 6.21 3.68
C LEU A 338 -15.16 6.96 4.98
N LEU A 339 -14.98 8.29 4.96
CA LEU A 339 -15.28 9.09 6.15
C LEU A 339 -16.76 9.03 6.53
N ASP A 340 -17.64 8.97 5.55
CA ASP A 340 -19.08 8.96 5.81
C ASP A 340 -19.63 7.56 6.06
N LEU A 341 -18.85 6.52 5.80
CA LEU A 341 -19.31 5.14 6.04
C LEU A 341 -19.90 5.00 7.44
N PRO A 342 -20.80 4.02 7.65
CA PRO A 342 -21.49 3.92 8.95
C PRO A 342 -20.69 3.21 10.03
N GLU A 343 -19.86 3.94 10.74
CA GLU A 343 -19.07 3.36 11.82
C GLU A 343 -19.97 2.92 12.97
N GLU A 344 -19.35 2.35 14.00
CA GLU A 344 -20.09 1.82 15.14
C GLU A 344 -20.77 2.95 15.91
N GLN A 345 -21.54 2.57 16.93
CA GLN A 345 -22.31 3.49 17.76
C GLN A 345 -21.86 3.39 19.21
N ASN A 346 -22.46 4.23 20.06
CA ASN A 346 -22.16 4.23 21.48
C ASN A 346 -23.39 4.69 22.25
N SER A 347 -23.44 4.35 23.53
CA SER A 347 -24.56 4.70 24.40
C SER A 347 -24.16 5.63 25.53
N GLY A 348 -23.15 5.24 26.33
CA GLY A 348 -22.70 6.06 27.43
C GLY A 348 -23.08 5.51 28.79
N GLU A 349 -22.13 4.87 29.46
CA GLU A 349 -22.34 4.31 30.79
C GLU A 349 -21.01 3.74 31.28
N LEU A 350 -20.90 3.57 32.58
CA LEU A 350 -19.70 3.01 33.19
C LEU A 350 -20.10 2.23 34.44
N LYS A 351 -19.57 1.02 34.56
CA LYS A 351 -19.83 0.18 35.73
C LYS A 351 -18.76 -0.91 35.78
N PRO A 352 -18.57 -1.54 36.93
CA PRO A 352 -17.61 -2.65 37.04
C PRO A 352 -18.19 -4.02 36.69
N GLN A 353 -19.48 -4.08 36.37
CA GLN A 353 -20.16 -5.31 35.96
C GLN A 353 -20.38 -6.27 37.14
N LEU A 354 -19.82 -5.95 38.31
CA LEU A 354 -20.00 -6.74 39.52
C LEU A 354 -20.01 -8.24 39.21
N GLN A 355 -18.98 -8.68 38.48
CA GLN A 355 -18.93 -10.04 37.96
C GLN A 355 -20.15 -10.32 37.08
N GLY A 356 -20.22 -9.56 35.99
CA GLY A 356 -21.38 -9.55 35.11
C GLY A 356 -22.01 -10.90 34.85
N ALA A 357 -23.30 -11.00 35.14
CA ALA A 357 -24.07 -12.21 34.88
C ALA A 357 -24.74 -12.09 33.51
N ILE A 358 -24.38 -12.99 32.60
CA ILE A 358 -24.89 -12.96 31.24
C ILE A 358 -26.21 -13.72 31.18
N ARG A 359 -27.25 -13.08 30.66
CA ARG A 359 -28.59 -13.66 30.58
C ARG A 359 -29.12 -13.44 29.16
N PHE A 360 -28.84 -14.38 28.27
CA PHE A 360 -29.39 -14.31 26.92
C PHE A 360 -30.89 -14.56 26.95
N ASP A 361 -31.61 -13.84 26.08
CA ASP A 361 -33.07 -13.94 26.05
C ASP A 361 -33.54 -13.71 24.62
N HIS A 362 -34.03 -14.78 23.98
CA HIS A 362 -34.58 -14.70 22.63
C HIS A 362 -33.62 -13.98 21.69
N VAL A 363 -32.42 -14.53 21.59
CA VAL A 363 -31.33 -13.95 20.83
C VAL A 363 -31.28 -14.59 19.45
N VAL A 364 -31.07 -13.78 18.42
CA VAL A 364 -30.99 -14.25 17.05
C VAL A 364 -29.79 -13.59 16.37
N LEU A 365 -29.28 -14.25 15.34
CA LEU A 365 -28.11 -13.79 14.60
C LEU A 365 -28.34 -13.92 13.10
N ASN A 366 -29.48 -13.42 12.62
CA ASN A 366 -29.72 -13.37 11.18
C ASN A 366 -28.60 -12.58 10.52
N TYR A 367 -27.75 -13.26 9.74
CA TYR A 367 -26.58 -12.63 9.16
C TYR A 367 -26.96 -11.79 7.94
N ALA A 368 -26.04 -10.90 7.55
CA ALA A 368 -26.25 -10.10 6.36
C ALA A 368 -26.34 -10.98 5.11
N ASP A 369 -25.50 -12.01 5.04
CA ASP A 369 -25.56 -12.93 3.90
C ASP A 369 -26.89 -13.65 3.85
N GLY A 370 -27.39 -14.11 4.99
CA GLY A 370 -28.67 -14.77 5.06
C GLY A 370 -28.69 -15.96 6.00
N THR A 371 -27.52 -16.55 6.26
CA THR A 371 -27.43 -17.71 7.13
C THR A 371 -27.81 -17.33 8.56
N GLN A 372 -28.43 -18.28 9.26
CA GLN A 372 -28.87 -18.11 10.63
C GLN A 372 -28.25 -19.19 11.50
N ALA A 373 -27.67 -18.78 12.63
CA ALA A 373 -26.98 -19.71 13.52
C ALA A 373 -27.36 -19.56 14.99
N ILE A 374 -28.11 -18.51 15.36
CA ILE A 374 -28.51 -18.31 16.74
C ILE A 374 -30.04 -18.31 16.80
N LYS A 375 -30.65 -19.11 15.92
CA LYS A 375 -32.10 -19.15 15.79
C LYS A 375 -32.81 -19.04 17.14
N ASP A 376 -32.37 -19.82 18.12
CA ASP A 376 -32.95 -19.75 19.46
C ASP A 376 -31.85 -20.00 20.48
N PHE A 377 -31.83 -19.19 21.53
CA PHE A 377 -30.83 -19.32 22.59
C PHE A 377 -31.31 -18.58 23.82
N SER A 378 -31.05 -19.17 24.98
CA SER A 378 -31.42 -18.55 26.26
C SER A 378 -30.55 -19.16 27.35
N LEU A 379 -30.09 -18.32 28.27
CA LEU A 379 -29.26 -18.78 29.38
C LEU A 379 -29.40 -17.83 30.55
N ASP A 380 -28.99 -18.30 31.72
CA ASP A 380 -29.03 -17.54 32.96
C ASP A 380 -27.71 -17.66 33.71
N ILE A 381 -26.61 -17.44 32.99
CA ILE A 381 -25.29 -17.58 33.58
C ILE A 381 -25.18 -16.71 34.83
N ARG A 382 -24.62 -17.29 35.89
CA ARG A 382 -24.49 -16.63 37.18
C ARG A 382 -23.02 -16.32 37.47
N PRO A 383 -22.75 -15.35 38.34
CA PRO A 383 -21.35 -15.01 38.65
C PRO A 383 -20.62 -16.19 39.28
N GLY A 384 -19.34 -16.32 38.92
CA GLY A 384 -18.52 -17.38 39.45
C GLY A 384 -18.68 -18.72 38.78
N GLU A 385 -19.48 -18.81 37.73
CA GLU A 385 -19.72 -20.06 37.04
C GLU A 385 -18.64 -20.32 35.99
N THR A 386 -18.63 -21.55 35.47
CA THR A 386 -17.68 -21.99 34.45
C THR A 386 -18.43 -22.64 33.30
N VAL A 387 -19.48 -21.97 32.83
CA VAL A 387 -20.29 -22.50 31.75
C VAL A 387 -19.42 -22.71 30.51
N ALA A 388 -19.63 -23.82 29.82
CA ALA A 388 -18.89 -24.15 28.61
C ALA A 388 -19.87 -24.61 27.54
N LEU A 389 -19.52 -24.29 26.29
CA LEU A 389 -20.35 -24.65 25.14
C LEU A 389 -19.70 -25.80 24.38
N VAL A 390 -20.48 -26.86 24.15
CA VAL A 390 -20.02 -28.05 23.44
C VAL A 390 -21.05 -28.41 22.39
N GLY A 391 -20.59 -28.72 21.19
CA GLY A 391 -21.50 -29.09 20.13
C GLY A 391 -20.74 -29.34 18.83
N ARG A 392 -21.51 -29.68 17.81
CA ARG A 392 -20.93 -29.96 16.50
C ARG A 392 -20.44 -28.66 15.84
N SER A 393 -19.50 -28.82 14.91
CA SER A 393 -18.97 -27.68 14.20
C SER A 393 -20.03 -27.07 13.28
N GLY A 394 -19.85 -25.79 12.97
CA GLY A 394 -20.82 -25.08 12.15
C GLY A 394 -22.18 -24.93 12.80
N ALA A 395 -22.21 -24.65 14.11
CA ALA A 395 -23.45 -24.50 14.84
C ALA A 395 -23.66 -23.11 15.43
N GLY A 396 -22.61 -22.29 15.53
CA GLY A 396 -22.72 -20.96 16.09
C GLY A 396 -21.86 -20.78 17.32
N LYS A 397 -20.78 -21.57 17.42
CA LYS A 397 -19.91 -21.48 18.59
C LYS A 397 -19.23 -20.13 18.68
N THR A 398 -18.39 -19.80 17.70
CA THR A 398 -17.74 -18.49 17.67
C THR A 398 -18.56 -17.48 16.89
N SER A 399 -19.84 -17.37 17.24
CA SER A 399 -20.71 -16.35 16.67
C SER A 399 -21.53 -15.68 17.78
N LEU A 400 -21.87 -16.47 18.80
CA LEU A 400 -22.54 -15.93 19.98
C LEU A 400 -21.56 -15.18 20.88
N VAL A 401 -20.28 -15.57 20.87
CA VAL A 401 -19.28 -14.88 21.66
C VAL A 401 -19.14 -13.44 21.20
N ASN A 402 -19.25 -13.21 19.88
CA ASN A 402 -19.08 -11.86 19.35
C ASN A 402 -20.09 -10.89 19.94
N MET A 403 -21.25 -11.39 20.38
CA MET A 403 -22.25 -10.51 20.96
C MET A 403 -21.75 -9.85 22.23
N LEU A 404 -21.14 -10.62 23.13
CA LEU A 404 -20.74 -10.09 24.43
C LEU A 404 -19.70 -9.00 24.28
N VAL A 405 -18.93 -9.02 23.18
CA VAL A 405 -17.93 -8.00 22.93
C VAL A 405 -18.39 -6.98 21.90
N ARG A 406 -19.60 -7.13 21.36
CA ARG A 406 -20.22 -6.21 20.40
C ARG A 406 -19.53 -6.23 19.04
N PHE A 407 -18.79 -7.29 18.73
CA PHE A 407 -18.28 -7.48 17.37
C PHE A 407 -19.40 -7.66 16.35
N GLN A 408 -20.57 -8.12 16.77
CA GLN A 408 -21.70 -8.28 15.87
C GLN A 408 -22.97 -7.83 16.57
N GLU A 409 -23.74 -6.96 15.92
CA GLU A 409 -24.94 -6.42 16.52
C GLU A 409 -26.00 -7.51 16.67
N VAL A 410 -26.77 -7.43 17.75
CA VAL A 410 -27.84 -8.39 18.01
C VAL A 410 -29.06 -8.03 17.17
N SER A 411 -29.78 -9.07 16.74
CA SER A 411 -31.00 -8.91 15.95
C SER A 411 -32.15 -9.61 16.65
N SER A 412 -33.25 -8.90 16.84
CA SER A 412 -34.45 -9.45 17.48
C SER A 412 -34.10 -10.11 18.81
N GLY A 413 -33.25 -9.45 19.58
CA GLY A 413 -32.84 -9.98 20.87
C GLY A 413 -31.94 -9.00 21.59
N GLN A 414 -31.55 -9.39 22.80
CA GLN A 414 -30.69 -8.56 23.63
C GLN A 414 -30.01 -9.44 24.67
N ILE A 415 -28.97 -8.89 25.28
CA ILE A 415 -28.21 -9.54 26.33
C ILE A 415 -28.21 -8.65 27.56
N TYR A 416 -28.59 -9.21 28.71
CA TYR A 416 -28.62 -8.48 29.98
C TYR A 416 -27.32 -8.79 30.72
N LEU A 417 -26.34 -7.90 30.55
CA LEU A 417 -25.08 -8.00 31.27
C LEU A 417 -25.20 -7.21 32.56
N ASP A 418 -25.18 -7.90 33.70
CA ASP A 418 -25.41 -7.28 35.00
C ASP A 418 -26.83 -6.72 35.09
N ASP A 419 -27.80 -7.56 34.73
CA ASP A 419 -29.22 -7.23 34.76
C ASP A 419 -29.50 -5.83 34.21
N LEU A 420 -28.77 -5.42 33.19
CA LEU A 420 -29.02 -4.18 32.49
C LEU A 420 -28.71 -4.38 31.01
N PRO A 421 -29.27 -3.56 30.13
CA PRO A 421 -29.04 -3.77 28.69
C PRO A 421 -27.57 -3.67 28.35
N ILE A 422 -27.12 -4.54 27.44
CA ILE A 422 -25.73 -4.53 27.00
C ILE A 422 -25.44 -3.27 26.19
N ARG A 423 -26.41 -2.83 25.39
CA ARG A 423 -26.18 -1.66 24.54
C ARG A 423 -25.93 -0.41 25.35
N ASP A 424 -26.52 -0.31 26.54
CA ASP A 424 -26.36 0.88 27.36
C ASP A 424 -24.91 1.07 27.83
N ILE A 425 -24.11 0.01 27.83
CA ILE A 425 -22.73 0.09 28.28
C ILE A 425 -21.85 0.55 27.13
N GLU A 426 -20.86 1.39 27.43
CA GLU A 426 -19.96 1.90 26.42
C GLU A 426 -19.13 0.77 25.82
N LEU A 427 -18.81 0.90 24.53
CA LEU A 427 -17.99 -0.09 23.87
C LEU A 427 -16.61 -0.18 24.51
N SER A 428 -16.00 0.97 24.81
CA SER A 428 -14.70 0.96 25.47
C SER A 428 -14.79 0.33 26.86
N SER A 429 -15.83 0.66 27.62
CA SER A 429 -16.00 0.08 28.95
C SER A 429 -16.37 -1.39 28.89
N LEU A 430 -16.86 -1.88 27.75
CA LEU A 430 -17.24 -3.27 27.60
C LEU A 430 -16.09 -4.13 27.11
N ARG A 431 -15.48 -3.75 25.98
CA ARG A 431 -14.38 -4.54 25.43
C ARG A 431 -13.18 -4.55 26.37
N THR A 432 -12.91 -3.41 27.02
CA THR A 432 -11.72 -3.30 27.86
C THR A 432 -11.77 -4.21 29.08
N GLN A 433 -12.95 -4.72 29.44
CA GLN A 433 -13.12 -5.57 30.61
C GLN A 433 -13.70 -6.92 30.23
N ILE A 434 -13.32 -7.44 29.06
CA ILE A 434 -13.75 -8.75 28.60
C ILE A 434 -12.54 -9.40 27.93
N ALA A 435 -11.93 -10.37 28.61
CA ALA A 435 -10.81 -11.09 28.03
C ALA A 435 -11.31 -12.07 26.98
N MET A 436 -10.63 -12.10 25.83
CA MET A 436 -11.03 -12.95 24.72
C MET A 436 -9.83 -13.72 24.19
N VAL A 437 -10.10 -14.91 23.66
CA VAL A 437 -9.09 -15.74 23.02
C VAL A 437 -9.71 -16.20 21.69
N ASN A 438 -9.42 -15.48 20.62
CA ASN A 438 -9.99 -15.82 19.32
C ASN A 438 -9.42 -17.14 18.82
N GLN A 439 -10.22 -17.83 18.00
CA GLN A 439 -9.77 -19.10 17.43
C GLN A 439 -8.52 -18.93 16.61
N GLN A 440 -8.48 -17.90 15.76
CA GLN A 440 -7.30 -17.58 14.96
C GLN A 440 -6.48 -16.55 15.73
N VAL A 441 -5.47 -17.02 16.46
CA VAL A 441 -4.65 -16.14 17.27
C VAL A 441 -3.86 -15.21 16.36
N VAL A 442 -3.88 -13.92 16.66
CA VAL A 442 -3.19 -12.90 15.89
C VAL A 442 -2.13 -12.27 16.79
N LEU A 443 -0.88 -12.29 16.33
CA LEU A 443 0.25 -11.75 17.07
C LEU A 443 0.91 -10.66 16.24
N PHE A 444 1.12 -9.50 16.83
CA PHE A 444 1.71 -8.37 16.13
C PHE A 444 3.22 -8.55 16.01
N ASN A 445 3.81 -7.82 15.05
CA ASN A 445 5.25 -7.87 14.82
C ASN A 445 5.92 -6.86 15.75
N ARG A 446 6.06 -7.27 17.01
CA ARG A 446 6.66 -6.42 18.03
C ARG A 446 7.39 -7.31 19.03
N THR A 447 7.81 -6.73 20.14
CA THR A 447 8.46 -7.49 21.19
C THR A 447 7.45 -8.38 21.92
N VAL A 448 7.97 -9.44 22.54
CA VAL A 448 7.10 -10.37 23.26
C VAL A 448 6.42 -9.65 24.42
N ARG A 449 7.15 -8.83 25.17
CA ARG A 449 6.56 -8.13 26.30
C ARG A 449 5.43 -7.22 25.86
N GLU A 450 5.65 -6.47 24.78
CA GLU A 450 4.58 -5.60 24.27
C GLU A 450 3.38 -6.41 23.81
N ASN A 451 3.63 -7.51 23.09
CA ASN A 451 2.52 -8.34 22.62
C ASN A 451 1.76 -8.94 23.79
N ILE A 452 2.47 -9.46 24.80
CA ILE A 452 1.79 -10.02 25.96
C ILE A 452 1.07 -8.93 26.73
N ALA A 453 1.58 -7.70 26.70
CA ALA A 453 0.99 -6.56 27.40
C ALA A 453 0.46 -5.52 26.42
N TYR A 454 -0.19 -5.98 25.36
CA TYR A 454 -0.76 -5.09 24.35
C TYR A 454 -2.14 -4.61 24.79
N GLY A 455 -2.45 -3.36 24.48
CA GLY A 455 -3.77 -2.81 24.76
C GLY A 455 -3.77 -1.77 25.86
N GLN A 456 -4.90 -1.66 26.56
CA GLN A 456 -5.02 -0.67 27.62
C GLN A 456 -4.04 -0.92 28.76
N LEU A 457 -3.61 -2.17 28.94
CA LEU A 457 -2.71 -2.54 30.03
C LEU A 457 -1.24 -2.49 29.61
N HIS A 458 -0.89 -1.63 28.65
CA HIS A 458 0.50 -1.53 28.21
C HIS A 458 1.43 -1.04 29.32
N ASN A 459 0.89 -0.41 30.35
CA ASN A 459 1.66 0.10 31.47
C ASN A 459 1.26 -0.60 32.77
N ALA A 460 0.91 -1.89 32.69
CA ALA A 460 0.49 -2.63 33.87
C ALA A 460 1.60 -2.67 34.91
N SER A 461 2.69 -3.36 34.60
CA SER A 461 3.83 -3.46 35.51
C SER A 461 4.93 -4.25 34.81
N ASP A 462 6.14 -4.15 35.36
CA ASP A 462 7.27 -4.91 34.85
C ASP A 462 7.32 -6.33 35.38
N GLU A 463 6.51 -6.66 36.39
CA GLU A 463 6.47 -8.01 36.96
C GLU A 463 5.16 -8.72 36.71
N ASP A 464 4.07 -8.01 36.44
CA ASP A 464 2.79 -8.67 36.18
C ASP A 464 2.86 -9.53 34.93
N VAL A 465 3.65 -9.13 33.93
CA VAL A 465 3.80 -9.94 32.73
C VAL A 465 4.41 -11.29 33.08
N ILE A 466 5.35 -11.30 34.02
CA ILE A 466 5.96 -12.56 34.45
C ILE A 466 4.92 -13.47 35.08
N ALA A 467 4.04 -12.91 35.93
CA ALA A 467 3.00 -13.71 36.55
C ALA A 467 2.05 -14.28 35.51
N ALA A 468 1.65 -13.46 34.53
CA ALA A 468 0.76 -13.95 33.48
C ALA A 468 1.42 -15.06 32.68
N ALA A 469 2.70 -14.89 32.34
CA ALA A 469 3.40 -15.93 31.59
C ALA A 469 3.49 -17.22 32.40
N LYS A 470 3.79 -17.11 33.69
CA LYS A 470 3.85 -18.32 34.53
C LYS A 470 2.49 -18.99 34.61
N ALA A 471 1.41 -18.21 34.75
CA ALA A 471 0.08 -18.79 34.81
C ALA A 471 -0.27 -19.50 33.50
N ALA A 472 0.07 -18.89 32.36
CA ALA A 472 -0.24 -19.48 31.07
C ALA A 472 0.74 -20.57 30.65
N TYR A 473 1.83 -20.76 31.40
CA TYR A 473 2.86 -21.75 31.08
C TYR A 473 3.75 -21.29 29.93
N ALA A 474 3.80 -19.97 29.70
CA ALA A 474 4.65 -19.40 28.67
C ALA A 474 6.02 -18.97 29.19
N HIS A 475 6.23 -18.99 30.50
CA HIS A 475 7.53 -18.62 31.07
C HIS A 475 8.43 -19.84 31.21
N ASP A 476 8.60 -20.56 30.11
CA ASP A 476 9.51 -21.68 30.00
C ASP A 476 10.28 -21.66 28.69
N PHE A 477 9.69 -21.14 27.62
CA PHE A 477 10.33 -21.02 26.32
C PHE A 477 10.76 -19.60 25.98
N ILE A 478 10.08 -18.60 26.53
CA ILE A 478 10.42 -17.22 26.22
C ILE A 478 11.86 -16.93 26.63
N MET A 479 12.23 -17.34 27.85
CA MET A 479 13.61 -17.16 28.29
C MET A 479 14.60 -17.93 27.42
N ASN A 480 14.13 -18.98 26.73
CA ASN A 480 14.99 -19.72 25.81
C ASN A 480 15.12 -19.04 24.45
N LEU A 481 14.35 -17.98 24.20
CA LEU A 481 14.45 -17.28 22.93
C LEU A 481 15.76 -16.50 22.85
N PRO A 482 16.19 -16.13 21.64
CA PRO A 482 17.49 -15.46 21.49
C PRO A 482 17.65 -14.24 22.40
N ASN A 483 16.60 -13.44 22.57
CA ASN A 483 16.66 -12.24 23.39
C ASN A 483 15.76 -12.30 24.62
N GLY A 484 14.65 -13.04 24.57
CA GLY A 484 13.77 -13.16 25.71
C GLY A 484 12.46 -12.41 25.54
N TYR A 485 12.09 -11.63 26.56
CA TYR A 485 10.83 -10.89 26.53
C TYR A 485 10.87 -9.71 25.56
N ASP A 486 12.04 -9.31 25.09
CA ASP A 486 12.18 -8.17 24.19
C ASP A 486 12.62 -8.60 22.79
N THR A 487 12.18 -9.78 22.35
CA THR A 487 12.54 -10.30 21.03
C THR A 487 11.44 -9.97 20.03
N VAL A 488 11.83 -9.40 18.89
CA VAL A 488 10.88 -9.04 17.86
C VAL A 488 10.38 -10.32 17.18
N LEU A 489 9.07 -10.42 16.99
CA LEU A 489 8.47 -11.59 16.37
C LEU A 489 8.56 -11.45 14.85
N GLY A 490 7.86 -12.32 14.14
CA GLY A 490 7.82 -12.30 12.70
C GLY A 490 6.71 -11.41 12.17
N ALA A 491 6.27 -11.72 10.94
CA ALA A 491 5.22 -10.93 10.32
C ALA A 491 3.93 -10.99 11.13
N GLN A 492 3.54 -12.18 11.58
CA GLN A 492 2.34 -12.38 12.39
C GLN A 492 2.63 -13.34 13.53
N GLY A 493 3.80 -13.22 14.15
CA GLY A 493 4.14 -14.11 15.25
C GLY A 493 4.23 -15.57 14.86
N LEU A 494 4.73 -15.85 13.67
CA LEU A 494 4.87 -17.23 13.19
C LEU A 494 6.10 -17.93 13.73
N ASN A 495 7.06 -17.19 14.29
CA ASN A 495 8.36 -17.75 14.64
C ASN A 495 8.45 -18.22 16.09
N LEU A 496 7.35 -18.20 16.85
CA LEU A 496 7.41 -18.74 18.21
C LEU A 496 7.29 -20.26 18.17
N SER A 497 6.12 -20.75 17.76
CA SER A 497 5.87 -22.17 17.51
C SER A 497 4.40 -22.30 17.11
N GLY A 498 4.00 -23.51 16.74
CA GLY A 498 2.60 -23.76 16.47
C GLY A 498 1.72 -23.59 17.69
N GLY A 499 2.24 -23.94 18.87
CA GLY A 499 1.48 -23.83 20.10
C GLY A 499 1.86 -22.63 20.94
N GLN A 500 3.12 -22.21 20.86
CA GLN A 500 3.56 -21.07 21.65
C GLN A 500 2.84 -19.80 21.23
N ARG A 501 2.61 -19.63 19.93
CA ARG A 501 1.87 -18.46 19.46
C ARG A 501 0.51 -18.37 20.12
N GLN A 502 -0.11 -19.51 20.43
CA GLN A 502 -1.39 -19.51 21.14
C GLN A 502 -1.20 -19.05 22.59
N ARG A 503 -0.09 -19.47 23.22
CA ARG A 503 0.11 -19.16 24.63
C ARG A 503 0.20 -17.66 24.86
N ILE A 504 0.69 -16.90 23.88
CA ILE A 504 0.78 -15.45 24.04
C ILE A 504 -0.60 -14.84 24.23
N ALA A 505 -1.58 -15.30 23.44
CA ALA A 505 -2.95 -14.83 23.63
C ALA A 505 -3.46 -15.18 25.02
N ILE A 506 -3.19 -16.41 25.48
CA ILE A 506 -3.59 -16.80 26.82
C ILE A 506 -2.89 -15.93 27.86
N ALA A 507 -1.60 -15.65 27.65
CA ALA A 507 -0.86 -14.83 28.59
C ALA A 507 -1.46 -13.44 28.72
N ARG A 508 -1.77 -12.80 27.59
CA ARG A 508 -2.35 -11.46 27.64
C ARG A 508 -3.75 -11.49 28.23
N ALA A 509 -4.53 -12.53 27.91
CA ALA A 509 -5.88 -12.64 28.47
C ALA A 509 -5.83 -12.76 29.99
N ILE A 510 -4.94 -13.61 30.51
CA ILE A 510 -4.84 -13.75 31.96
C ILE A 510 -4.28 -12.48 32.59
N LEU A 511 -3.36 -11.80 31.89
CA LEU A 511 -2.82 -10.54 32.40
C LEU A 511 -3.94 -9.51 32.55
N LYS A 512 -4.82 -9.41 31.57
CA LYS A 512 -5.98 -8.53 31.67
C LYS A 512 -6.91 -9.07 32.75
N ASN A 513 -6.92 -8.40 33.90
CA ASN A 513 -7.65 -8.90 35.08
C ASN A 513 -9.11 -8.46 35.06
N ALA A 514 -9.81 -8.73 33.98
CA ALA A 514 -11.24 -8.51 33.92
C ALA A 514 -11.97 -9.71 34.51
N PRO A 515 -13.21 -9.51 34.99
CA PRO A 515 -13.95 -10.65 35.55
C PRO A 515 -14.67 -11.45 34.48
N ILE A 516 -13.99 -11.70 33.36
CA ILE A 516 -14.52 -12.49 32.25
C ILE A 516 -13.32 -13.05 31.49
N LEU A 517 -13.42 -14.31 31.10
CA LEU A 517 -12.38 -14.97 30.31
C LEU A 517 -13.05 -15.97 29.38
N ILE A 518 -13.33 -15.54 28.16
CA ILE A 518 -13.97 -16.38 27.16
C ILE A 518 -12.87 -17.16 26.44
N LEU A 519 -12.65 -18.40 26.87
CA LEU A 519 -11.62 -19.25 26.27
C LEU A 519 -12.21 -19.94 25.04
N ASP A 520 -12.41 -19.14 24.00
CA ASP A 520 -12.98 -19.64 22.75
C ASP A 520 -11.94 -20.46 22.00
N GLU A 521 -11.98 -21.78 22.19
CA GLU A 521 -10.99 -22.69 21.58
C GLU A 521 -9.57 -22.23 21.91
N ALA A 522 -9.38 -21.82 23.17
CA ALA A 522 -8.06 -21.36 23.60
C ALA A 522 -7.03 -22.49 23.52
N THR A 523 -7.42 -23.69 23.96
CA THR A 523 -6.52 -24.85 23.96
C THR A 523 -6.88 -25.73 22.77
N SER A 524 -6.33 -25.38 21.60
CA SER A 524 -6.55 -26.14 20.38
C SER A 524 -5.25 -26.78 19.88
N ALA A 525 -4.21 -25.98 19.67
CA ALA A 525 -2.92 -26.50 19.23
C ALA A 525 -2.00 -26.88 20.37
N LEU A 526 -2.38 -26.59 21.61
CA LEU A 526 -1.54 -26.92 22.75
C LEU A 526 -1.48 -28.42 22.96
N ASP A 527 -0.32 -28.89 23.44
CA ASP A 527 -0.12 -30.30 23.69
C ASP A 527 -0.90 -30.74 24.93
N ASN A 528 -0.82 -32.02 25.24
CA ASN A 528 -1.55 -32.56 26.39
C ASN A 528 -0.99 -32.05 27.71
N GLU A 529 0.32 -31.81 27.77
CA GLU A 529 0.95 -31.36 29.01
C GLU A 529 0.70 -29.88 29.26
N SER A 530 0.88 -29.05 28.22
CA SER A 530 0.72 -27.61 28.40
C SER A 530 -0.71 -27.26 28.78
N GLU A 531 -1.69 -27.90 28.14
CA GLU A 531 -3.09 -27.59 28.43
C GLU A 531 -3.44 -27.94 29.87
N HIS A 532 -2.90 -29.05 30.37
CA HIS A 532 -3.23 -29.48 31.74
C HIS A 532 -2.79 -28.43 32.76
N PHE A 533 -1.59 -27.89 32.60
CA PHE A 533 -1.10 -26.88 33.53
C PHE A 533 -1.95 -25.61 33.47
N ILE A 534 -2.37 -25.21 32.27
CA ILE A 534 -3.20 -24.01 32.13
C ILE A 534 -4.54 -24.21 32.84
N GLN A 535 -5.15 -25.38 32.69
CA GLN A 535 -6.40 -25.65 33.37
C GLN A 535 -6.22 -25.63 34.88
N GLN A 536 -5.11 -26.20 35.36
CA GLN A 536 -4.84 -26.18 36.80
C GLN A 536 -4.68 -24.75 37.30
N ALA A 537 -3.97 -23.91 36.53
CA ALA A 537 -3.81 -22.51 36.92
C ALA A 537 -5.15 -21.79 36.96
N PHE A 538 -6.01 -22.04 35.96
CA PHE A 538 -7.32 -21.42 35.95
C PHE A 538 -8.13 -21.86 37.18
N ASP A 539 -8.07 -23.14 37.52
CA ASP A 539 -8.81 -23.63 38.67
C ASP A 539 -8.28 -23.03 39.97
N GLU A 540 -6.95 -22.89 40.07
CA GLU A 540 -6.32 -22.43 41.30
C GLU A 540 -6.32 -20.91 41.45
N ALA A 541 -6.64 -20.17 40.37
CA ALA A 541 -6.62 -18.71 40.44
C ALA A 541 -7.32 -18.20 41.70
N MET A 542 -8.38 -18.87 42.15
CA MET A 542 -9.12 -18.46 43.33
C MET A 542 -9.72 -17.08 43.16
N GLN A 543 -10.06 -16.72 41.93
CA GLN A 543 -10.66 -15.43 41.58
C GLN A 543 -11.87 -15.65 40.67
N ASP A 544 -12.79 -16.50 41.13
CA ASP A 544 -13.88 -17.02 40.33
C ASP A 544 -14.49 -15.97 39.40
N ARG A 545 -14.61 -16.32 38.12
CA ARG A 545 -15.18 -15.44 37.12
C ARG A 545 -16.31 -16.15 36.38
N THR A 546 -16.78 -15.56 35.27
CA THR A 546 -17.81 -16.15 34.43
C THR A 546 -17.21 -16.67 33.13
N THR A 547 -16.05 -17.31 33.23
CA THR A 547 -15.32 -17.75 32.05
C THR A 547 -16.18 -18.69 31.20
N ILE A 548 -16.11 -18.49 29.89
CA ILE A 548 -16.83 -19.32 28.93
C ILE A 548 -15.80 -20.05 28.08
N VAL A 549 -15.93 -21.37 28.00
CA VAL A 549 -14.97 -22.23 27.31
C VAL A 549 -15.66 -22.87 26.11
N ILE A 550 -15.05 -22.74 24.95
CA ILE A 550 -15.53 -23.37 23.72
C ILE A 550 -14.39 -24.25 23.22
N ALA A 551 -14.42 -25.53 23.59
CA ALA A 551 -13.37 -26.48 23.24
C ALA A 551 -13.99 -27.77 22.75
N HIS A 552 -13.36 -28.36 21.74
CA HIS A 552 -13.78 -29.66 21.21
C HIS A 552 -13.06 -30.80 21.93
N ARG A 553 -13.14 -30.80 23.26
CA ARG A 553 -12.47 -31.80 24.07
C ARG A 553 -13.31 -32.05 25.32
N LEU A 554 -12.84 -32.98 26.16
CA LEU A 554 -13.52 -33.33 27.39
C LEU A 554 -12.74 -32.98 28.65
N SER A 555 -11.42 -32.78 28.54
CA SER A 555 -10.63 -32.44 29.72
C SER A 555 -11.08 -31.11 30.32
N THR A 556 -11.28 -30.10 29.46
CA THR A 556 -11.75 -28.80 29.94
C THR A 556 -13.24 -28.82 30.26
N ILE A 557 -14.00 -29.69 29.60
CA ILE A 557 -15.44 -29.75 29.81
C ILE A 557 -15.81 -30.62 31.01
N GLU A 558 -14.92 -31.52 31.43
CA GLU A 558 -15.26 -32.41 32.54
C GLU A 558 -15.50 -31.62 33.83
N ASN A 559 -14.68 -30.61 34.09
CA ASN A 559 -14.79 -29.82 35.31
C ASN A 559 -15.70 -28.60 35.16
N ALA A 560 -16.31 -28.42 33.99
CA ALA A 560 -17.19 -27.27 33.79
C ALA A 560 -18.40 -27.36 34.72
N ASP A 561 -18.76 -26.23 35.33
CA ASP A 561 -19.90 -26.21 36.23
C ASP A 561 -21.19 -26.56 35.50
N ARG A 562 -21.39 -25.99 34.31
CA ARG A 562 -22.56 -26.28 33.49
C ARG A 562 -22.12 -26.44 32.04
N ILE A 563 -22.67 -27.45 31.38
CA ILE A 563 -22.36 -27.76 30.00
C ILE A 563 -23.63 -27.60 29.17
N VAL A 564 -23.55 -26.78 28.13
CA VAL A 564 -24.68 -26.51 27.25
C VAL A 564 -24.40 -27.17 25.90
N VAL A 565 -25.27 -28.09 25.50
CA VAL A 565 -25.15 -28.77 24.22
C VAL A 565 -25.93 -27.95 23.20
N MET A 566 -25.21 -27.39 22.22
CA MET A 566 -25.79 -26.53 21.20
C MET A 566 -25.61 -27.16 19.83
N ASP A 567 -26.68 -27.18 19.04
CA ASP A 567 -26.63 -27.66 17.66
C ASP A 567 -27.50 -26.73 16.80
N ARG A 568 -26.88 -26.15 15.78
CA ARG A 568 -27.58 -25.20 14.90
C ARG A 568 -28.19 -24.06 15.71
N GLY A 569 -27.46 -23.60 16.71
CA GLY A 569 -27.92 -22.50 17.55
C GLY A 569 -28.80 -22.91 18.71
N GLN A 570 -29.80 -23.75 18.46
CA GLN A 570 -30.70 -24.18 19.52
C GLN A 570 -29.93 -24.96 20.58
N ILE A 571 -30.34 -24.78 21.83
CA ILE A 571 -29.72 -25.48 22.95
C ILE A 571 -30.26 -26.90 23.00
N VAL A 572 -29.41 -27.87 22.68
CA VAL A 572 -29.85 -29.26 22.69
C VAL A 572 -30.12 -29.73 24.11
N GLU A 573 -29.19 -29.47 25.03
CA GLU A 573 -29.34 -29.91 26.41
C GLU A 573 -28.51 -29.00 27.31
N GLN A 574 -28.84 -29.02 28.60
CA GLN A 574 -28.08 -28.29 29.61
C GLN A 574 -27.96 -29.16 30.85
N GLY A 575 -26.92 -28.89 31.62
CA GLY A 575 -26.67 -29.62 32.85
C GLY A 575 -25.20 -29.74 33.13
N THR A 576 -24.89 -30.44 34.21
CA THR A 576 -23.51 -30.68 34.61
C THR A 576 -22.95 -31.90 33.88
N HIS A 577 -21.66 -32.15 34.09
CA HIS A 577 -21.00 -33.27 33.42
C HIS A 577 -21.66 -34.60 33.80
N GLN A 578 -21.95 -34.79 35.08
CA GLN A 578 -22.60 -36.02 35.52
C GLN A 578 -24.00 -36.14 34.93
N GLU A 579 -24.76 -35.04 34.93
CA GLU A 579 -26.13 -35.10 34.44
C GLU A 579 -26.19 -35.45 32.96
N LEU A 580 -25.33 -34.82 32.16
CA LEU A 580 -25.35 -35.08 30.72
C LEU A 580 -25.01 -36.52 30.40
N LEU A 581 -24.00 -37.07 31.07
CA LEU A 581 -23.60 -38.45 30.81
C LEU A 581 -24.74 -39.42 31.13
N ALA A 582 -25.41 -39.22 32.27
CA ALA A 582 -26.54 -40.07 32.62
C ALA A 582 -27.67 -39.91 31.61
N LYS A 583 -27.96 -38.67 31.21
CA LYS A 583 -29.00 -38.42 30.23
C LYS A 583 -28.60 -38.88 28.83
N HIS A 584 -27.31 -39.10 28.59
CA HIS A 584 -26.84 -39.52 27.27
C HIS A 584 -27.13 -38.45 26.24
N GLY A 585 -28.21 -38.62 25.48
CA GLY A 585 -28.56 -37.64 24.47
C GLY A 585 -27.43 -37.44 23.47
N ALA A 586 -27.17 -36.18 23.13
CA ALA A 586 -26.09 -35.87 22.20
C ALA A 586 -24.72 -35.89 22.87
N TYR A 587 -24.68 -35.64 24.18
CA TYR A 587 -23.39 -35.66 24.88
C TYR A 587 -22.75 -37.04 24.83
N TYR A 588 -23.55 -38.09 24.99
CA TYR A 588 -23.01 -39.45 24.91
C TYR A 588 -22.36 -39.70 23.55
N GLN A 589 -22.95 -39.14 22.49
CA GLN A 589 -22.34 -39.28 21.17
C GLN A 589 -20.97 -38.62 21.11
N LEU A 590 -20.83 -37.45 21.72
CA LEU A 590 -19.55 -36.75 21.77
C LEU A 590 -18.69 -37.22 22.94
N HIS A 591 -18.53 -38.53 23.06
CA HIS A 591 -17.71 -39.12 24.12
C HIS A 591 -16.78 -40.22 23.62
N GLN A 592 -16.95 -40.74 22.42
CA GLN A 592 -16.10 -41.81 21.90
C GLN A 592 -14.67 -41.31 21.70
N LYS B 29 25.45 1.17 -11.29
CA LYS B 29 24.85 2.47 -11.06
C LYS B 29 23.37 2.44 -11.43
N VAL B 30 22.57 3.25 -10.74
CA VAL B 30 21.13 3.27 -11.00
C VAL B 30 20.85 3.72 -12.43
N TYR B 31 21.53 4.78 -12.87
CA TYR B 31 21.30 5.29 -14.22
C TYR B 31 21.65 4.26 -15.28
N LEU B 32 22.79 3.57 -15.11
CA LEU B 32 23.23 2.61 -16.11
C LEU B 32 22.23 1.46 -16.25
N ARG B 33 21.73 0.95 -15.12
CA ARG B 33 20.79 -0.17 -15.17
C ARG B 33 19.46 0.25 -15.78
N LEU B 34 19.04 1.49 -15.55
CA LEU B 34 17.77 1.95 -16.11
C LEU B 34 17.79 1.95 -17.63
N ILE B 35 18.92 2.33 -18.22
CA ILE B 35 19.03 2.37 -19.68
C ILE B 35 18.83 0.96 -20.25
N SER B 36 19.33 -0.05 -19.56
CA SER B 36 19.17 -1.42 -20.03
C SER B 36 17.71 -1.83 -20.13
N TYR B 37 16.81 -1.19 -19.39
CA TYR B 37 15.40 -1.53 -19.41
C TYR B 37 14.64 -0.91 -20.58
N LEU B 38 15.23 0.08 -21.27
CA LEU B 38 14.61 0.71 -22.41
C LEU B 38 15.29 0.33 -23.73
N LYS B 39 16.01 -0.79 -23.74
CA LYS B 39 16.70 -1.21 -24.96
C LYS B 39 15.75 -1.38 -26.14
N PRO B 40 14.61 -2.07 -26.01
CA PRO B 40 13.71 -2.23 -27.17
C PRO B 40 12.95 -0.97 -27.55
N TYR B 41 13.09 0.12 -26.79
CA TYR B 41 12.38 1.36 -27.04
C TYR B 41 13.26 2.39 -27.75
N TRP B 42 14.43 2.00 -28.25
CA TRP B 42 15.29 2.94 -28.94
C TRP B 42 14.62 3.50 -30.19
N GLY B 43 13.88 2.65 -30.92
CA GLY B 43 13.18 3.14 -32.09
C GLY B 43 12.21 4.26 -31.76
N VAL B 44 11.48 4.12 -30.65
CA VAL B 44 10.59 5.19 -30.21
C VAL B 44 11.35 6.27 -29.43
N ALA B 45 12.53 5.95 -28.90
CA ALA B 45 13.29 6.91 -28.11
C ALA B 45 13.75 8.11 -28.94
N LEU B 46 13.83 7.97 -30.26
CA LEU B 46 14.26 9.08 -31.11
C LEU B 46 13.10 9.86 -31.69
N LEU B 47 11.90 9.26 -31.78
CA LEU B 47 10.72 10.02 -32.19
C LEU B 47 10.42 11.14 -31.20
N VAL B 48 10.53 10.84 -29.89
CA VAL B 48 10.30 11.88 -28.89
C VAL B 48 11.32 13.00 -29.05
N LEU B 49 12.57 12.65 -29.41
CA LEU B 49 13.59 13.67 -29.62
C LEU B 49 13.18 14.61 -30.76
N ILE B 50 12.66 14.06 -31.84
CA ILE B 50 12.22 14.90 -32.96
C ILE B 50 11.07 15.80 -32.55
N GLY B 51 10.10 15.25 -31.81
CA GLY B 51 8.94 16.04 -31.42
C GLY B 51 9.33 17.24 -30.59
N PHE B 52 10.16 17.03 -29.56
CA PHE B 52 10.67 18.15 -28.78
C PHE B 52 11.72 18.94 -29.55
N GLY B 53 12.42 18.28 -30.48
CA GLY B 53 13.39 18.99 -31.29
C GLY B 53 12.77 20.11 -32.10
N MET B 54 11.63 19.84 -32.73
CA MET B 54 10.89 20.90 -33.39
C MET B 54 10.42 21.94 -32.39
N ASN B 55 9.97 21.50 -31.22
CA ASN B 55 9.59 22.45 -30.18
C ASN B 55 10.78 23.28 -29.74
N SER B 56 11.95 22.66 -29.61
CA SER B 56 13.15 23.43 -29.28
C SER B 56 13.46 24.46 -30.34
N ALA B 57 13.17 24.15 -31.61
CA ALA B 57 13.32 25.12 -32.68
C ALA B 57 12.16 26.10 -32.76
N THR B 58 11.11 25.89 -31.98
CA THR B 58 9.97 26.80 -31.97
C THR B 58 10.19 27.97 -31.01
N GLU B 59 10.72 27.70 -29.82
CA GLU B 59 10.96 28.75 -28.84
C GLU B 59 12.23 29.55 -29.12
N VAL B 60 13.06 29.12 -30.06
CA VAL B 60 14.19 29.92 -30.49
C VAL B 60 13.79 30.92 -31.56
N SER B 61 12.77 30.60 -32.36
CA SER B 61 12.33 31.52 -33.41
C SER B 61 11.64 32.76 -32.85
N VAL B 62 11.15 32.70 -31.61
CA VAL B 62 10.50 33.86 -31.01
C VAL B 62 11.48 35.02 -30.91
N ALA B 63 12.71 34.73 -30.48
CA ALA B 63 13.73 35.77 -30.45
C ALA B 63 13.94 36.36 -31.84
N LYS B 64 13.96 35.50 -32.86
CA LYS B 64 13.97 36.00 -34.23
C LYS B 64 12.65 36.67 -34.59
N LEU B 65 11.53 36.19 -34.03
CA LEU B 65 10.24 36.78 -34.32
C LEU B 65 10.15 38.22 -33.80
N ILE B 66 10.61 38.45 -32.58
CA ILE B 66 10.57 39.80 -32.01
C ILE B 66 11.44 40.75 -32.83
N LYS B 67 12.65 40.29 -33.19
CA LYS B 67 13.52 41.11 -34.01
C LYS B 67 12.88 41.41 -35.36
N PHE B 68 12.26 40.41 -35.98
CA PHE B 68 11.65 40.60 -37.29
C PHE B 68 10.51 41.61 -37.21
N ILE B 69 9.64 41.49 -36.21
CA ILE B 69 8.51 42.41 -36.10
C ILE B 69 9.01 43.82 -35.80
N ILE B 70 10.03 43.95 -34.95
CA ILE B 70 10.54 45.28 -34.62
C ILE B 70 11.17 45.92 -35.85
N ASP B 71 11.94 45.15 -36.62
CA ASP B 71 12.54 45.70 -37.84
C ASP B 71 11.48 46.09 -38.84
N ALA B 72 10.46 45.24 -39.02
CA ALA B 72 9.41 45.56 -39.98
C ALA B 72 8.62 46.78 -39.56
N ILE B 73 8.30 46.91 -38.28
CA ILE B 73 7.49 48.02 -37.81
C ILE B 73 8.31 49.30 -37.71
N GLN B 74 9.57 49.18 -37.29
CA GLN B 74 10.42 50.36 -37.16
C GLN B 74 10.64 51.01 -38.51
N ASN B 75 10.83 50.22 -39.56
CA ASN B 75 11.03 50.74 -40.91
C ASN B 75 9.72 51.07 -41.61
N ALA B 76 8.58 50.85 -40.96
CA ALA B 76 7.26 51.11 -41.55
C ALA B 76 7.00 50.25 -42.78
N SER B 77 7.61 49.06 -42.81
CA SER B 77 7.38 48.13 -43.91
C SER B 77 5.96 47.59 -43.86
N ARG B 78 5.43 47.25 -45.03
CA ARG B 78 4.09 46.69 -45.15
C ARG B 78 4.09 45.26 -45.66
N ALA B 79 5.01 44.91 -46.56
CA ALA B 79 5.05 43.54 -47.08
C ALA B 79 5.32 42.53 -45.96
N ASP B 80 6.26 42.86 -45.07
CA ASP B 80 6.63 41.98 -43.96
C ASP B 80 5.85 42.28 -42.69
N LEU B 81 4.95 43.26 -42.71
CA LEU B 81 4.17 43.61 -41.54
C LEU B 81 2.83 42.90 -41.51
N ASP B 82 2.05 42.99 -42.60
CA ASP B 82 0.78 42.29 -42.67
C ASP B 82 0.93 40.78 -42.76
N TRP B 83 2.15 40.29 -42.99
CA TRP B 83 2.41 38.86 -43.03
C TRP B 83 2.66 38.24 -41.66
N PHE B 84 2.74 39.07 -40.62
CA PHE B 84 3.01 38.55 -39.28
C PHE B 84 1.95 37.56 -38.79
N PRO B 85 0.65 37.81 -38.95
CA PRO B 85 -0.33 36.91 -38.32
C PRO B 85 -0.17 35.45 -38.71
N LEU B 86 0.22 35.17 -39.96
CA LEU B 86 0.38 33.79 -40.38
C LEU B 86 1.58 33.12 -39.73
N LEU B 87 2.49 33.89 -39.13
CA LEU B 87 3.71 33.33 -38.56
C LEU B 87 3.57 32.89 -37.11
N ILE B 88 2.43 33.16 -36.47
CA ILE B 88 2.22 32.73 -35.08
C ILE B 88 1.35 31.48 -35.06
N ILE B 89 0.39 31.40 -35.99
CA ILE B 89 -0.41 30.18 -36.11
C ILE B 89 0.47 29.03 -36.57
N LEU B 90 1.29 29.26 -37.60
CA LEU B 90 2.23 28.24 -38.05
C LEU B 90 3.24 27.92 -36.95
N LEU B 91 3.73 28.96 -36.26
CA LEU B 91 4.67 28.73 -35.17
C LEU B 91 4.04 27.96 -34.03
N VAL B 92 2.81 28.34 -33.65
CA VAL B 92 2.13 27.64 -32.56
C VAL B 92 1.81 26.21 -32.94
N PHE B 93 1.49 25.96 -34.22
CA PHE B 93 1.24 24.60 -34.66
C PHE B 93 2.41 23.69 -34.34
N PHE B 94 3.64 24.22 -34.44
CA PHE B 94 4.80 23.45 -34.02
C PHE B 94 4.85 23.30 -32.51
N ARG B 95 4.39 24.30 -31.77
CA ARG B 95 4.22 24.16 -30.33
C ARG B 95 3.13 23.15 -29.98
N GLY B 96 2.32 22.75 -30.95
CA GLY B 96 1.33 21.71 -30.76
C GLY B 96 1.84 20.39 -31.31
N LEU B 97 1.44 20.04 -32.52
CA LEU B 97 2.00 18.88 -33.19
C LEU B 97 3.51 18.88 -33.07
N GLY B 98 4.05 17.85 -32.44
CA GLY B 98 5.45 17.79 -32.11
C GLY B 98 5.64 17.85 -30.61
N LEU B 99 4.92 18.75 -29.96
CA LEU B 99 4.85 18.74 -28.50
C LEU B 99 3.98 17.60 -28.00
N PHE B 100 2.83 17.37 -28.65
CA PHE B 100 1.99 16.24 -28.26
C PHE B 100 2.71 14.92 -28.51
N MET B 101 3.23 14.71 -29.71
CA MET B 101 3.87 13.44 -30.02
C MET B 101 5.08 13.22 -29.12
N GLY B 102 5.90 14.26 -28.94
CA GLY B 102 7.02 14.16 -28.02
C GLY B 102 6.59 14.09 -26.56
N GLY B 103 5.57 14.87 -26.20
CA GLY B 103 5.09 14.84 -24.82
C GLY B 103 4.32 13.59 -24.48
N TYR B 104 3.60 13.02 -25.45
CA TYR B 104 2.85 11.78 -25.20
C TYR B 104 3.75 10.57 -25.18
N TYR B 105 4.85 10.58 -25.95
CA TYR B 105 5.73 9.42 -26.00
C TYR B 105 6.49 9.23 -24.69
N THR B 106 6.74 10.32 -23.96
CA THR B 106 7.44 10.21 -22.68
C THR B 106 6.66 9.34 -21.72
N ALA B 107 5.35 9.56 -21.63
CA ALA B 107 4.51 8.71 -20.78
C ALA B 107 4.54 7.27 -21.26
N VAL B 108 4.51 7.06 -22.57
CA VAL B 108 4.53 5.70 -23.11
C VAL B 108 5.78 4.97 -22.66
N ILE B 109 6.94 5.59 -22.85
CA ILE B 109 8.20 4.92 -22.53
C ILE B 109 8.31 4.66 -21.04
N SER B 110 8.08 5.70 -20.23
CA SER B 110 8.24 5.55 -18.78
C SER B 110 7.21 4.57 -18.20
N ARG B 111 5.95 4.72 -18.60
CA ARG B 111 4.92 3.83 -18.07
C ARG B 111 5.16 2.39 -18.50
N SER B 112 5.56 2.17 -19.75
CA SER B 112 5.86 0.83 -20.21
C SER B 112 7.05 0.24 -19.46
N LEU B 113 8.09 1.03 -19.23
CA LEU B 113 9.25 0.55 -18.50
C LEU B 113 8.88 0.17 -17.07
N VAL B 114 8.10 1.01 -16.40
CA VAL B 114 7.70 0.70 -15.03
C VAL B 114 6.78 -0.53 -15.01
N PHE B 115 5.95 -0.69 -16.04
CA PHE B 115 5.09 -1.87 -16.10
C PHE B 115 5.92 -3.14 -16.11
N SER B 116 7.03 -3.15 -16.84
CA SER B 116 7.94 -4.28 -16.85
C SER B 116 8.76 -4.38 -15.56
N ILE B 117 8.74 -3.35 -14.72
CA ILE B 117 9.48 -3.37 -13.47
C ILE B 117 8.63 -4.02 -12.39
N ARG B 118 7.45 -3.45 -12.13
CA ARG B 118 6.59 -4.01 -11.10
C ARG B 118 6.15 -5.43 -11.44
N GLN B 119 5.87 -5.68 -12.72
CA GLN B 119 5.50 -7.03 -13.14
C GLN B 119 6.65 -8.00 -12.91
N GLU B 120 7.87 -7.58 -13.25
CA GLU B 120 9.03 -8.44 -13.04
C GLU B 120 9.43 -8.50 -11.57
N VAL B 121 9.13 -7.46 -10.80
CA VAL B 121 9.40 -7.49 -9.37
C VAL B 121 8.53 -8.55 -8.70
N TYR B 122 7.31 -8.73 -9.18
CA TYR B 122 6.40 -9.69 -8.57
C TYR B 122 6.96 -11.10 -8.62
N ALA B 123 7.60 -11.46 -9.74
CA ALA B 123 8.14 -12.82 -9.88
C ALA B 123 9.16 -13.12 -8.79
N LYS B 124 10.15 -12.24 -8.62
CA LYS B 124 11.17 -12.49 -7.60
C LYS B 124 10.56 -12.45 -6.21
N LEU B 125 9.62 -11.54 -5.96
CA LEU B 125 8.98 -11.48 -4.65
C LEU B 125 8.29 -12.78 -4.33
N LEU B 126 7.59 -13.37 -5.30
CA LEU B 126 6.94 -14.65 -5.08
C LEU B 126 7.95 -15.78 -4.94
N ARG B 127 9.09 -15.70 -5.64
CA ARG B 127 10.12 -16.72 -5.58
C ARG B 127 11.05 -16.57 -4.38
N LEU B 128 10.90 -15.52 -3.58
CA LEU B 128 11.78 -15.30 -2.45
C LEU B 128 11.56 -16.37 -1.39
N PRO B 129 12.58 -16.64 -0.57
CA PRO B 129 12.43 -17.66 0.47
C PRO B 129 11.47 -17.21 1.57
N ALA B 130 10.93 -18.21 2.27
CA ALA B 130 10.00 -17.92 3.37
C ALA B 130 10.66 -17.12 4.47
N GLN B 131 11.98 -17.20 4.62
CA GLN B 131 12.66 -16.44 5.66
C GLN B 131 12.49 -14.93 5.44
N TYR B 132 12.57 -14.49 4.19
CA TYR B 132 12.38 -13.06 3.90
C TYR B 132 10.98 -12.61 4.32
N TYR B 133 9.97 -13.44 4.08
CA TYR B 133 8.62 -13.11 4.50
C TYR B 133 8.55 -12.94 6.02
N LEU B 134 9.24 -13.83 6.76
CA LEU B 134 9.24 -13.74 8.21
C LEU B 134 9.85 -12.43 8.69
N ASP B 135 10.99 -12.04 8.11
CA ASP B 135 11.69 -10.86 8.59
C ASP B 135 10.87 -9.60 8.37
N ASN B 136 10.27 -9.45 7.19
CA ASN B 136 9.54 -8.26 6.81
C ASN B 136 8.04 -8.53 6.83
N SER B 137 7.30 -7.65 7.50
CA SER B 137 5.85 -7.79 7.57
C SER B 137 5.22 -7.42 6.22
N SER B 138 3.90 -7.60 6.13
CA SER B 138 3.19 -7.30 4.89
C SER B 138 3.30 -5.82 4.55
N GLY B 139 3.17 -4.95 5.55
CA GLY B 139 3.21 -3.52 5.28
C GLY B 139 4.53 -3.08 4.68
N HIS B 140 5.65 -3.59 5.21
CA HIS B 140 6.95 -3.24 4.66
C HIS B 140 7.10 -3.76 3.23
N ILE B 141 6.70 -5.00 2.98
CA ILE B 141 6.87 -5.59 1.65
C ILE B 141 5.93 -4.94 0.64
N THR B 142 4.66 -4.75 1.02
CA THR B 142 3.70 -4.19 0.07
C THR B 142 4.08 -2.77 -0.33
N ALA B 143 4.58 -1.97 0.62
CA ALA B 143 4.98 -0.61 0.31
C ALA B 143 6.17 -0.55 -0.65
N LYS B 144 6.87 -1.66 -0.84
CA LYS B 144 8.05 -1.68 -1.71
C LYS B 144 7.68 -1.81 -3.19
N ILE B 145 6.42 -2.10 -3.52
CA ILE B 145 5.97 -2.17 -4.91
C ILE B 145 4.77 -1.25 -5.10
N MET B 146 4.03 -0.99 -4.03
CA MET B 146 2.85 -0.14 -4.11
C MET B 146 3.18 1.34 -3.95
N TYR B 147 4.20 1.67 -3.16
CA TYR B 147 4.65 3.04 -2.96
C TYR B 147 6.05 3.27 -3.50
N ASN B 148 7.00 2.39 -3.17
CA ASN B 148 8.36 2.55 -3.65
C ASN B 148 8.39 2.59 -5.18
N VAL B 149 7.79 1.60 -5.83
CA VAL B 149 7.73 1.60 -7.29
C VAL B 149 6.78 2.68 -7.79
N GLU B 150 5.71 2.95 -7.04
CA GLU B 150 4.73 3.95 -7.49
C GLU B 150 5.37 5.32 -7.63
N GLN B 151 6.20 5.72 -6.65
CA GLN B 151 6.88 7.00 -6.76
C GLN B 151 7.82 7.03 -7.96
N LEU B 152 8.38 5.87 -8.33
CA LEU B 152 9.25 5.82 -9.50
C LEU B 152 8.50 6.20 -10.78
N THR B 153 7.19 5.95 -10.82
CA THR B 153 6.40 6.31 -12.00
C THR B 153 6.31 7.82 -12.15
N ALA B 154 5.75 8.51 -11.16
CA ALA B 154 5.66 9.96 -11.23
C ALA B 154 7.03 10.61 -11.26
N ALA B 155 8.02 9.98 -10.64
CA ALA B 155 9.37 10.51 -10.63
C ALA B 155 10.12 10.24 -11.93
N SER B 156 9.55 9.45 -12.85
CA SER B 156 10.18 9.15 -14.12
C SER B 156 9.36 9.65 -15.30
N SER B 157 8.06 9.36 -15.34
CA SER B 157 7.22 9.80 -16.45
C SER B 157 7.17 11.32 -16.53
N GLU B 158 6.92 11.97 -15.39
CA GLU B 158 6.87 13.43 -15.37
C GLU B 158 8.28 14.03 -15.42
N SER B 159 9.24 13.40 -14.74
CA SER B 159 10.58 13.95 -14.68
C SER B 159 11.30 13.86 -16.03
N LEU B 160 11.12 12.74 -16.73
CA LEU B 160 11.83 12.55 -18.00
C LEU B 160 11.42 13.60 -19.02
N LYS B 161 10.12 13.89 -19.12
CA LYS B 161 9.66 14.93 -20.04
C LYS B 161 10.20 16.28 -19.63
N THR B 162 10.11 16.61 -18.34
CA THR B 162 10.56 17.91 -17.87
C THR B 162 12.05 18.10 -18.09
N ILE B 163 12.85 17.08 -17.77
CA ILE B 163 14.30 17.23 -17.90
C ILE B 163 14.70 17.31 -19.37
N VAL B 164 14.15 16.43 -20.22
CA VAL B 164 14.53 16.45 -21.63
C VAL B 164 14.11 17.77 -22.26
N ARG B 165 12.96 18.31 -21.85
CA ARG B 165 12.51 19.60 -22.36
C ARG B 165 13.45 20.71 -21.90
N ASP B 166 13.54 20.93 -20.58
CA ASP B 166 14.37 21.98 -20.01
C ASP B 166 15.85 21.75 -20.33
N GLY B 167 16.14 20.67 -21.03
CA GLY B 167 17.44 20.40 -21.63
C GLY B 167 17.42 20.83 -23.08
N MET B 168 17.07 19.93 -24.00
CA MET B 168 17.12 20.23 -25.42
C MET B 168 16.67 21.65 -25.76
N ILE B 169 15.57 22.15 -25.18
CA ILE B 169 15.14 23.51 -25.51
C ILE B 169 16.21 24.53 -25.11
N THR B 170 16.70 24.44 -23.88
CA THR B 170 17.72 25.37 -23.42
C THR B 170 18.98 25.25 -24.26
N LEU B 171 19.38 24.01 -24.57
CA LEU B 171 20.55 23.78 -25.39
C LEU B 171 20.42 24.46 -26.74
N GLY B 172 19.28 24.28 -27.40
CA GLY B 172 19.09 24.88 -28.72
C GLY B 172 19.08 26.39 -28.67
N LEU B 173 18.35 26.96 -27.72
CA LEU B 173 18.26 28.42 -27.68
C LEU B 173 19.59 29.04 -27.24
N LEU B 174 20.37 28.34 -26.41
CA LEU B 174 21.68 28.83 -26.03
C LEU B 174 22.67 28.72 -27.19
N GLY B 175 22.54 27.66 -28.00
CA GLY B 175 23.35 27.59 -29.21
C GLY B 175 23.02 28.72 -30.17
N TYR B 176 21.74 29.05 -30.30
CA TYR B 176 21.36 30.20 -31.11
C TYR B 176 21.93 31.49 -30.52
N LEU B 177 21.89 31.62 -29.20
CA LEU B 177 22.44 32.81 -28.54
C LEU B 177 23.94 32.93 -28.82
N PHE B 178 24.65 31.82 -28.79
CA PHE B 178 26.07 31.83 -29.13
C PHE B 178 26.28 32.27 -30.58
N TYR B 179 25.45 31.77 -31.49
CA TYR B 179 25.63 32.07 -32.90
C TYR B 179 25.47 33.56 -33.18
N THR B 180 24.42 34.18 -32.62
CA THR B 180 24.17 35.59 -32.89
C THR B 180 25.29 36.47 -32.34
N ASN B 181 25.80 36.15 -31.15
CA ASN B 181 26.89 36.93 -30.56
C ASN B 181 27.64 36.02 -29.59
N TRP B 182 28.78 35.50 -30.03
CA TRP B 182 29.59 34.65 -29.17
C TRP B 182 30.40 35.45 -28.15
N ARG B 183 30.75 36.69 -28.49
CA ARG B 183 31.61 37.49 -27.61
C ARG B 183 30.95 37.70 -26.25
N LEU B 184 29.71 38.17 -26.24
CA LEU B 184 29.04 38.45 -24.97
C LEU B 184 28.63 37.16 -24.28
N THR B 185 28.18 36.17 -25.03
CA THR B 185 27.66 34.94 -24.43
C THR B 185 28.74 34.21 -23.65
N ILE B 186 29.97 34.18 -24.17
CA ILE B 186 31.04 33.43 -23.51
C ILE B 186 31.23 33.86 -22.07
N CYS B 187 30.82 35.08 -21.72
CA CYS B 187 30.88 35.51 -20.32
C CYS B 187 30.00 34.67 -19.42
N ILE B 188 28.98 33.99 -19.98
CA ILE B 188 28.10 33.15 -19.17
C ILE B 188 28.89 32.01 -18.55
N MET B 189 29.99 31.59 -19.17
CA MET B 189 30.78 30.48 -18.65
C MET B 189 31.73 30.99 -17.58
N VAL B 190 31.17 31.67 -16.57
CA VAL B 190 31.92 32.10 -15.39
C VAL B 190 31.23 31.66 -14.10
N PHE B 191 29.91 31.82 -14.03
CA PHE B 191 29.13 31.39 -12.88
C PHE B 191 28.68 29.94 -12.98
N LEU B 192 28.94 29.27 -14.09
CA LEU B 192 28.52 27.87 -14.24
C LEU B 192 28.93 27.00 -13.08
N PRO B 193 30.17 27.06 -12.58
CA PRO B 193 30.50 26.30 -11.36
C PRO B 193 29.64 26.70 -10.18
N VAL B 194 29.23 27.97 -10.08
CA VAL B 194 28.40 28.38 -8.95
C VAL B 194 27.06 27.66 -8.99
N ILE B 195 26.41 27.66 -10.16
CA ILE B 195 25.13 26.95 -10.29
C ILE B 195 25.34 25.44 -10.07
N GLY B 196 26.44 24.90 -10.58
CA GLY B 196 26.69 23.49 -10.39
C GLY B 196 26.81 23.11 -8.92
N ILE B 197 27.56 23.91 -8.16
CA ILE B 197 27.73 23.65 -6.73
C ILE B 197 26.40 23.84 -6.01
N LEU B 198 25.69 24.93 -6.30
CA LEU B 198 24.43 25.18 -5.63
C LEU B 198 23.40 24.10 -5.93
N VAL B 199 23.54 23.42 -7.07
CA VAL B 199 22.64 22.32 -7.42
C VAL B 199 23.17 21.00 -6.91
N ARG B 200 24.47 20.74 -7.10
CA ARG B 200 25.06 19.50 -6.60
C ARG B 200 24.98 19.44 -5.08
N LYS B 201 25.30 20.54 -4.40
CA LYS B 201 25.18 20.58 -2.95
C LYS B 201 23.73 20.43 -2.52
N ALA B 202 22.80 21.02 -3.26
CA ALA B 202 21.38 20.95 -2.93
C ALA B 202 20.72 19.67 -3.42
N SER B 203 21.45 18.79 -4.09
CA SER B 203 20.91 17.50 -4.55
C SER B 203 21.28 16.35 -3.63
N LYS B 204 22.51 16.33 -3.11
CA LYS B 204 22.91 15.27 -2.20
C LYS B 204 22.05 15.29 -0.93
N ARG B 205 21.72 16.49 -0.44
CA ARG B 205 20.88 16.60 0.74
C ARG B 205 19.54 15.92 0.51
N MET B 206 18.86 16.26 -0.58
CA MET B 206 17.57 15.66 -0.86
C MET B 206 17.69 14.16 -1.10
N ARG B 207 18.77 13.73 -1.75
CA ARG B 207 18.97 12.30 -1.96
C ARG B 207 19.08 11.57 -0.63
N LYS B 208 19.81 12.14 0.33
CA LYS B 208 19.89 11.53 1.65
C LYS B 208 18.54 11.55 2.36
N LEU B 209 17.83 12.68 2.29
CA LEU B 209 16.51 12.76 2.91
C LEU B 209 15.47 11.97 2.13
N SER B 210 15.66 11.79 0.83
CA SER B 210 14.69 11.05 0.03
C SER B 210 14.55 9.61 0.52
N MET B 211 15.68 8.97 0.85
CA MET B 211 15.62 7.62 1.40
C MET B 211 14.97 7.60 2.78
N GLN B 212 15.07 8.70 3.53
CA GLN B 212 14.51 8.73 4.88
C GLN B 212 12.99 8.79 4.84
N VAL B 213 12.42 9.62 3.98
CA VAL B 213 10.96 9.72 3.91
C VAL B 213 10.36 8.41 3.43
N GLN B 214 11.02 7.75 2.47
CA GLN B 214 10.53 6.46 2.01
C GLN B 214 10.54 5.43 3.14
N ASP B 215 11.59 5.42 3.95
CA ASP B 215 11.66 4.50 5.08
C ASP B 215 10.54 4.77 6.07
N THR B 216 10.25 6.05 6.33
CA THR B 216 9.16 6.40 7.24
C THR B 216 7.82 5.89 6.71
N MET B 217 7.61 5.98 5.40
CA MET B 217 6.36 5.49 4.81
C MET B 217 6.17 4.01 5.09
N GLY B 218 7.25 3.22 5.02
CA GLY B 218 7.14 1.81 5.33
C GLY B 218 6.60 1.56 6.72
N ASP B 219 7.03 2.37 7.69
CA ASP B 219 6.48 2.28 9.04
C ASP B 219 5.00 2.64 9.04
N VAL B 220 4.61 3.67 8.28
CA VAL B 220 3.21 4.06 8.19
C VAL B 220 2.38 2.90 7.64
N ASN B 221 2.88 2.27 6.57
CA ASN B 221 2.16 1.13 6.00
C ASN B 221 2.11 -0.03 6.97
N HIS B 222 3.18 -0.24 7.73
CA HIS B 222 3.20 -1.36 8.67
C HIS B 222 2.12 -1.21 9.73
N VAL B 223 1.94 0.00 10.27
CA VAL B 223 0.96 0.20 11.34
C VAL B 223 -0.44 -0.10 10.83
N VAL B 224 -0.79 0.44 9.67
CA VAL B 224 -2.14 0.22 9.13
C VAL B 224 -2.35 -1.24 8.80
N GLN B 225 -1.34 -1.90 8.21
CA GLN B 225 -1.48 -3.30 7.84
C GLN B 225 -1.66 -4.17 9.08
N GLU B 226 -0.84 -3.93 10.11
CA GLU B 226 -0.97 -4.71 11.35
C GLU B 226 -2.31 -4.45 12.02
N SER B 227 -2.78 -3.20 11.99
CA SER B 227 -4.08 -2.88 12.55
C SER B 227 -5.19 -3.62 11.81
N ILE B 228 -5.11 -3.67 10.48
CA ILE B 228 -6.11 -4.41 9.71
C ILE B 228 -6.06 -5.89 10.07
N ASN B 229 -4.85 -6.45 10.20
CA ASN B 229 -4.72 -7.86 10.52
C ASN B 229 -5.30 -8.17 11.90
N GLY B 230 -5.02 -7.32 12.89
CA GLY B 230 -5.41 -7.56 14.25
C GLY B 230 -6.67 -6.86 14.73
N ASN B 231 -7.47 -6.31 13.81
CA ASN B 231 -8.74 -5.69 14.18
C ASN B 231 -9.45 -6.45 15.30
N ALA B 232 -9.50 -7.78 15.20
CA ALA B 232 -10.11 -8.56 16.27
C ALA B 232 -9.39 -8.34 17.59
N VAL B 233 -8.05 -8.35 17.56
CA VAL B 233 -7.29 -8.10 18.78
C VAL B 233 -7.40 -6.63 19.18
N VAL B 234 -7.34 -5.72 18.20
CA VAL B 234 -7.36 -4.30 18.50
C VAL B 234 -8.66 -3.92 19.21
N LYS B 235 -9.80 -4.36 18.66
CA LYS B 235 -11.08 -4.04 19.27
C LYS B 235 -11.24 -4.71 20.62
N SER B 236 -10.81 -5.97 20.73
CA SER B 236 -11.02 -6.72 21.96
C SER B 236 -10.33 -6.06 23.15
N PHE B 237 -9.10 -5.59 22.96
CA PHE B 237 -8.30 -5.03 24.03
C PHE B 237 -8.35 -3.50 24.08
N ALA B 238 -9.23 -2.88 23.30
CA ALA B 238 -9.36 -1.42 23.27
C ALA B 238 -8.02 -0.77 22.98
N GLY B 239 -7.29 -1.32 22.02
CA GLY B 239 -5.99 -0.82 21.63
C GLY B 239 -6.01 0.25 20.56
N GLU B 240 -7.18 0.77 20.21
CA GLU B 240 -7.26 1.78 19.16
C GLU B 240 -6.48 3.04 19.53
N GLU B 241 -6.56 3.46 20.80
CA GLU B 241 -5.83 4.64 21.23
C GLU B 241 -4.32 4.43 21.12
N SER B 242 -3.84 3.24 21.50
CA SER B 242 -2.41 2.95 21.42
C SER B 242 -1.94 2.95 19.96
N GLU B 243 -2.74 2.37 19.06
CA GLU B 243 -2.35 2.33 17.65
C GLU B 243 -2.27 3.73 17.07
N GLN B 244 -3.17 4.62 17.47
CA GLN B 244 -3.17 5.97 16.93
C GLN B 244 -1.86 6.70 17.25
N GLU B 245 -1.35 6.52 18.48
CA GLU B 245 -0.14 7.24 18.87
C GLU B 245 1.03 6.86 17.97
N ARG B 246 1.21 5.57 17.70
CA ARG B 246 2.29 5.15 16.81
C ARG B 246 2.06 5.65 15.39
N PHE B 247 0.83 5.49 14.88
CA PHE B 247 0.51 6.00 13.56
C PHE B 247 0.63 7.51 13.51
N TYR B 248 0.17 8.19 14.57
CA TYR B 248 0.29 9.64 14.62
C TYR B 248 1.75 10.08 14.62
N LYS B 249 2.60 9.38 15.40
CA LYS B 249 4.01 9.72 15.44
C LYS B 249 4.66 9.52 14.08
N SER B 250 4.35 8.39 13.42
CA SER B 250 4.93 8.14 12.10
C SER B 250 4.48 9.19 11.09
N SER B 251 3.19 9.56 11.12
CA SER B 251 2.68 10.56 10.20
C SER B 251 3.34 11.92 10.46
N GLU B 252 3.52 12.28 11.73
CA GLU B 252 4.18 13.53 12.06
C GLU B 252 5.63 13.54 11.57
N GLU B 253 6.33 12.42 11.75
CA GLU B 253 7.71 12.34 11.27
C GLU B 253 7.76 12.47 9.75
N ASN B 254 6.84 11.80 9.05
CA ASN B 254 6.80 11.92 7.59
C ASN B 254 6.51 13.35 7.16
N LEU B 255 5.57 14.01 7.84
CA LEU B 255 5.24 15.39 7.49
C LEU B 255 6.44 16.31 7.71
N LYS B 256 7.15 16.12 8.84
CA LYS B 256 8.32 16.94 9.10
C LYS B 256 9.40 16.71 8.05
N ARG B 257 9.62 15.45 7.68
CA ARG B 257 10.62 15.15 6.66
C ARG B 257 10.24 15.79 5.32
N GLY B 258 8.97 15.70 4.95
CA GLY B 258 8.54 16.32 3.71
C GLY B 258 8.70 17.82 3.73
N LEU B 259 8.33 18.46 4.85
CA LEU B 259 8.49 19.91 4.96
C LEU B 259 9.95 20.31 4.86
N LYS B 260 10.85 19.55 5.52
CA LYS B 260 12.27 19.84 5.43
C LYS B 260 12.77 19.68 4.01
N MET B 261 12.31 18.63 3.31
CA MET B 261 12.71 18.45 1.92
C MET B 261 12.22 19.60 1.05
N VAL B 262 11.04 20.13 1.35
CA VAL B 262 10.51 21.25 0.57
C VAL B 262 11.37 22.49 0.76
N ILE B 263 11.88 22.70 1.98
CA ILE B 263 12.68 23.90 2.26
C ILE B 263 13.90 23.94 1.35
N VAL B 264 14.66 22.85 1.28
CA VAL B 264 15.88 22.85 0.49
C VAL B 264 15.56 22.98 -1.00
N GLN B 265 14.55 22.25 -1.46
CA GLN B 265 14.22 22.29 -2.88
C GLN B 265 13.70 23.66 -3.30
N ASN B 266 12.74 24.21 -2.55
CA ASN B 266 12.17 25.51 -2.91
C ASN B 266 13.18 26.64 -2.74
N LEU B 267 14.20 26.45 -1.91
CA LEU B 267 15.23 27.46 -1.71
C LEU B 267 16.26 27.47 -2.83
N ASN B 268 16.32 26.42 -3.65
CA ASN B 268 17.35 26.32 -4.69
C ASN B 268 16.93 27.02 -5.97
N SER B 269 15.68 26.85 -6.40
CA SER B 269 15.26 27.45 -7.66
C SER B 269 15.34 28.96 -7.65
N PRO B 270 14.85 29.69 -6.63
CA PRO B 270 15.03 31.14 -6.66
C PRO B 270 16.48 31.58 -6.63
N VAL B 271 17.35 30.84 -5.93
CA VAL B 271 18.74 31.26 -5.78
C VAL B 271 19.47 31.13 -7.11
N VAL B 272 19.28 30.02 -7.82
CA VAL B 272 19.96 29.86 -9.11
C VAL B 272 19.53 30.94 -10.08
N GLN B 273 18.32 31.47 -9.94
CA GLN B 273 17.90 32.60 -10.76
C GLN B 273 18.64 33.87 -10.37
N VAL B 274 18.96 34.04 -9.08
CA VAL B 274 19.63 35.25 -8.63
C VAL B 274 21.02 35.36 -9.25
N VAL B 275 21.77 34.25 -9.25
CA VAL B 275 23.11 34.27 -9.85
C VAL B 275 23.01 34.49 -11.36
N MET B 276 22.04 33.83 -12.00
CA MET B 276 21.83 34.06 -13.43
C MET B 276 21.39 35.49 -13.69
N ALA B 277 20.60 36.07 -12.78
CA ALA B 277 20.21 37.47 -12.92
C ALA B 277 21.43 38.39 -12.81
N CYS B 278 22.34 38.08 -11.89
CA CYS B 278 23.57 38.86 -11.78
C CYS B 278 24.41 38.73 -13.04
N ALA B 279 24.48 37.53 -13.61
CA ALA B 279 25.18 37.35 -14.88
C ALA B 279 24.55 38.18 -15.98
N MET B 280 23.22 38.21 -16.04
CA MET B 280 22.53 39.04 -17.02
C MET B 280 22.86 40.52 -16.82
N ALA B 281 22.86 40.98 -15.57
CA ALA B 281 23.19 42.36 -15.30
C ALA B 281 24.62 42.70 -15.72
N LEU B 282 25.57 41.79 -15.42
CA LEU B 282 26.96 42.05 -15.77
C LEU B 282 27.15 42.08 -17.29
N ILE B 283 26.52 41.14 -18.00
CA ILE B 283 26.66 41.10 -19.45
C ILE B 283 26.01 42.33 -20.09
N VAL B 284 24.87 42.77 -19.53
CA VAL B 284 24.22 43.98 -20.03
C VAL B 284 25.13 45.19 -19.80
N TRP B 285 25.75 45.28 -18.62
CA TRP B 285 26.67 46.38 -18.35
C TRP B 285 27.81 46.38 -19.34
N LEU B 286 28.39 45.21 -19.61
CA LEU B 286 29.50 45.12 -20.55
C LEU B 286 29.07 45.53 -21.95
N ALA B 287 27.87 45.10 -22.37
CA ALA B 287 27.45 45.31 -23.75
C ALA B 287 26.99 46.75 -24.00
N LEU B 288 26.36 47.38 -23.01
CA LEU B 288 25.70 48.67 -23.22
C LEU B 288 26.65 49.86 -23.15
N ARG B 289 27.95 49.65 -23.17
CA ARG B 289 28.88 50.77 -23.12
C ARG B 289 28.76 51.60 -24.39
N PRO B 290 28.91 52.92 -24.31
CA PRO B 290 28.72 53.76 -25.51
C PRO B 290 29.61 53.36 -26.67
N GLN B 291 30.87 52.99 -26.41
CA GLN B 291 31.75 52.58 -27.48
C GLN B 291 31.25 51.32 -28.18
N ILE B 292 30.51 50.47 -27.47
CA ILE B 292 29.94 49.27 -28.08
C ILE B 292 28.55 49.52 -28.64
N LEU B 293 27.93 50.65 -28.30
CA LEU B 293 26.56 50.94 -28.69
C LEU B 293 26.48 51.85 -29.91
N GLY B 294 27.50 51.83 -30.76
CA GLY B 294 27.50 52.72 -31.92
C GLY B 294 26.36 52.43 -32.87
N ASN B 295 26.14 51.15 -33.19
CA ASN B 295 25.02 50.72 -34.04
C ASN B 295 24.47 49.45 -33.39
N THR B 296 23.43 49.63 -32.56
CA THR B 296 22.93 48.52 -31.76
C THR B 296 21.90 47.69 -32.50
N THR B 297 21.04 48.30 -33.31
CA THR B 297 19.90 47.61 -33.92
C THR B 297 19.04 46.96 -32.85
N ALA B 298 18.40 47.84 -32.06
CA ALA B 298 17.66 47.44 -30.87
C ALA B 298 16.89 46.15 -31.05
N GLY B 299 16.31 45.95 -32.25
CA GLY B 299 15.62 44.70 -32.51
C GLY B 299 16.47 43.48 -32.28
N GLU B 300 17.80 43.61 -32.44
CA GLU B 300 18.70 42.49 -32.16
C GLU B 300 18.86 42.26 -30.67
N PHE B 301 19.02 43.34 -29.89
CA PHE B 301 19.29 43.19 -28.46
C PHE B 301 18.04 42.71 -27.72
N VAL B 302 16.87 43.20 -28.12
CA VAL B 302 15.63 42.75 -27.47
C VAL B 302 15.44 41.26 -27.70
N ALA B 303 15.84 40.76 -28.87
CA ALA B 303 15.85 39.32 -29.10
C ALA B 303 16.79 38.63 -28.10
N TYR B 304 17.93 39.26 -27.82
CA TYR B 304 18.85 38.71 -26.84
C TYR B 304 18.19 38.60 -25.47
N ILE B 305 17.46 39.65 -25.05
CA ILE B 305 16.80 39.64 -23.76
C ILE B 305 15.70 38.57 -23.73
N THR B 306 14.95 38.45 -24.82
CA THR B 306 13.91 37.43 -24.88
C THR B 306 14.50 36.03 -24.77
N ALA B 307 15.61 35.79 -25.46
CA ALA B 307 16.28 34.50 -25.36
C ALA B 307 16.79 34.26 -23.94
N ALA B 308 17.30 35.31 -23.29
CA ALA B 308 17.76 35.17 -21.92
C ALA B 308 16.60 34.76 -21.00
N GLY B 309 15.44 35.40 -21.16
CA GLY B 309 14.29 35.02 -20.34
C GLY B 309 13.79 33.62 -20.64
N LEU B 310 13.80 33.24 -21.92
CA LEU B 310 13.38 31.90 -22.32
C LEU B 310 14.40 30.84 -21.95
N LEU B 311 15.61 31.25 -21.55
CA LEU B 311 16.53 30.34 -20.88
C LEU B 311 16.25 30.30 -19.37
N SER B 312 15.95 31.46 -18.79
CA SER B 312 15.73 31.53 -17.34
C SER B 312 14.53 30.68 -16.93
N LYS B 313 13.46 30.72 -17.71
CA LYS B 313 12.26 29.95 -17.35
C LYS B 313 12.52 28.45 -17.35
N PRO B 314 13.01 27.85 -18.45
CA PRO B 314 13.24 26.40 -18.43
C PRO B 314 14.25 25.93 -17.39
N VAL B 315 15.29 26.72 -17.12
CA VAL B 315 16.23 26.32 -16.08
C VAL B 315 15.53 26.37 -14.71
N LYS B 316 14.63 27.33 -14.51
CA LYS B 316 13.84 27.35 -13.28
C LYS B 316 12.99 26.08 -13.16
N ASN B 317 12.37 25.67 -14.27
CA ASN B 317 11.59 24.43 -14.23
C ASN B 317 12.49 23.22 -13.95
N LEU B 318 13.68 23.21 -14.53
CA LEU B 318 14.62 22.11 -14.30
C LEU B 318 15.02 22.04 -12.83
N THR B 319 15.26 23.19 -12.21
CA THR B 319 15.58 23.21 -10.78
C THR B 319 14.37 22.80 -9.94
N ASP B 320 13.16 23.15 -10.38
CA ASP B 320 11.96 22.77 -9.65
C ASP B 320 11.71 21.27 -9.70
N VAL B 321 12.03 20.64 -10.83
CA VAL B 321 11.78 19.20 -10.99
C VAL B 321 12.88 18.41 -10.33
N ASN B 322 13.78 19.10 -9.62
CA ASN B 322 14.86 18.41 -8.92
C ASN B 322 14.31 17.45 -7.87
N GLU B 323 13.29 17.88 -7.13
CA GLU B 323 12.69 16.99 -6.13
C GLU B 323 12.11 15.75 -6.78
N LYS B 324 11.39 15.92 -7.89
CA LYS B 324 10.81 14.78 -8.58
C LYS B 324 11.89 13.82 -9.07
N LEU B 325 12.97 14.37 -9.63
CA LEU B 325 14.06 13.52 -10.10
C LEU B 325 14.70 12.76 -8.94
N GLN B 326 14.97 13.46 -7.83
CA GLN B 326 15.64 12.81 -6.70
C GLN B 326 14.76 11.77 -6.05
N ARG B 327 13.45 11.98 -6.02
CA ARG B 327 12.56 11.00 -5.39
C ARG B 327 12.64 9.65 -6.10
N GLY B 328 12.70 9.66 -7.43
CA GLY B 328 12.79 8.42 -8.16
C GLY B 328 14.07 7.66 -7.90
N LEU B 329 15.18 8.38 -7.79
CA LEU B 329 16.48 7.72 -7.58
C LEU B 329 16.50 6.93 -6.28
N ALA B 330 15.97 7.51 -5.19
CA ALA B 330 15.91 6.80 -3.93
C ALA B 330 15.06 5.55 -4.05
N ALA B 331 13.91 5.65 -4.73
CA ALA B 331 13.06 4.48 -4.94
C ALA B 331 13.77 3.42 -5.77
N ALA B 332 14.50 3.86 -6.80
CA ALA B 332 15.18 2.90 -7.67
C ALA B 332 16.20 2.08 -6.91
N HIS B 333 16.93 2.70 -5.97
CA HIS B 333 17.93 1.97 -5.21
C HIS B 333 17.30 0.84 -4.42
N SER B 334 16.21 1.12 -3.70
CA SER B 334 15.54 0.08 -2.93
C SER B 334 14.95 -0.99 -3.85
N VAL B 335 14.38 -0.57 -4.98
CA VAL B 335 13.80 -1.54 -5.91
C VAL B 335 14.87 -2.49 -6.40
N PHE B 336 16.02 -1.96 -6.79
CA PHE B 336 17.09 -2.81 -7.32
C PHE B 336 17.73 -3.66 -6.22
N GLU B 337 17.74 -3.16 -4.99
CA GLU B 337 18.16 -4.01 -3.87
C GLU B 337 17.22 -5.19 -3.72
N LEU B 338 15.91 -4.96 -3.84
CA LEU B 338 14.95 -6.05 -3.80
C LEU B 338 15.20 -7.02 -4.95
N LEU B 339 15.49 -6.50 -6.15
CA LEU B 339 15.78 -7.36 -7.29
C LEU B 339 17.03 -8.21 -7.05
N ASP B 340 18.04 -7.64 -6.41
CA ASP B 340 19.29 -8.35 -6.20
C ASP B 340 19.27 -9.25 -4.96
N LEU B 341 18.25 -9.13 -4.12
CA LEU B 341 18.15 -9.98 -2.93
C LEU B 341 18.34 -11.45 -3.30
N PRO B 342 18.78 -12.29 -2.34
CA PRO B 342 19.10 -13.68 -2.67
C PRO B 342 17.89 -14.59 -2.74
N GLU B 343 17.25 -14.67 -3.91
CA GLU B 343 16.09 -15.53 -4.08
C GLU B 343 16.51 -17.01 -4.02
N GLU B 344 15.52 -17.88 -4.18
CA GLU B 344 15.74 -19.31 -4.08
C GLU B 344 16.60 -19.81 -5.24
N GLN B 345 16.90 -21.10 -5.21
CA GLN B 345 17.75 -21.76 -6.21
C GLN B 345 17.00 -22.92 -6.85
N ASN B 346 17.65 -23.56 -7.82
CA ASN B 346 17.07 -24.71 -8.51
C ASN B 346 18.19 -25.63 -8.96
N SER B 347 17.85 -26.89 -9.21
CA SER B 347 18.81 -27.90 -9.63
C SER B 347 18.51 -28.45 -11.02
N GLY B 348 17.29 -28.94 -11.25
CA GLY B 348 16.93 -29.48 -12.55
C GLY B 348 16.82 -30.99 -12.56
N GLU B 349 15.59 -31.50 -12.53
CA GLU B 349 15.31 -32.93 -12.57
C GLU B 349 13.80 -33.12 -12.60
N LEU B 350 13.37 -34.29 -13.07
CA LEU B 350 11.94 -34.58 -13.15
C LEU B 350 11.75 -36.08 -12.91
N LYS B 351 11.08 -36.41 -11.81
CA LYS B 351 10.75 -37.79 -11.48
C LYS B 351 9.37 -37.82 -10.83
N PRO B 352 8.66 -38.96 -10.92
CA PRO B 352 7.36 -39.08 -10.26
C PRO B 352 7.43 -39.43 -8.79
N GLN B 353 8.64 -39.66 -8.26
CA GLN B 353 8.86 -39.99 -6.86
C GLN B 353 8.46 -41.43 -6.53
N LEU B 354 7.82 -42.12 -7.48
CA LEU B 354 7.44 -43.52 -7.33
C LEU B 354 6.98 -43.81 -5.90
N GLN B 355 6.05 -43.00 -5.41
CA GLN B 355 5.65 -43.02 -4.01
C GLN B 355 6.86 -42.76 -3.12
N GLY B 356 7.39 -41.54 -3.27
CA GLY B 356 8.64 -41.15 -2.64
C GLY B 356 8.83 -41.63 -1.21
N ALA B 357 9.94 -42.34 -0.99
CA ALA B 357 10.33 -42.80 0.34
C ALA B 357 11.31 -41.80 0.91
N ILE B 358 10.92 -41.12 1.98
CA ILE B 358 11.73 -40.07 2.59
C ILE B 358 12.63 -40.72 3.63
N ARG B 359 13.93 -40.49 3.52
CA ARG B 359 14.94 -41.09 4.41
C ARG B 359 15.83 -39.98 4.94
N PHE B 360 15.45 -39.42 6.09
CA PHE B 360 16.29 -38.42 6.74
C PHE B 360 17.55 -39.08 7.28
N ASP B 361 18.68 -38.38 7.14
CA ASP B 361 19.98 -38.90 7.57
C ASP B 361 20.79 -37.74 8.15
N HIS B 362 20.90 -37.69 9.48
CA HIS B 362 21.68 -36.68 10.17
C HIS B 362 21.29 -35.27 9.70
N VAL B 363 20.04 -34.93 9.94
CA VAL B 363 19.47 -33.65 9.52
C VAL B 363 19.46 -32.70 10.71
N VAL B 364 19.89 -31.47 10.47
CA VAL B 364 19.92 -30.42 11.49
C VAL B 364 19.21 -29.19 10.92
N LEU B 365 18.69 -28.37 11.84
CA LEU B 365 17.89 -27.19 11.48
C LEU B 365 18.38 -25.97 12.25
N ASN B 366 19.69 -25.74 12.26
CA ASN B 366 20.23 -24.55 12.89
C ASN B 366 19.61 -23.31 12.27
N TYR B 367 18.79 -22.60 13.04
CA TYR B 367 18.07 -21.45 12.52
C TYR B 367 18.97 -20.22 12.48
N ALA B 368 18.53 -19.22 11.70
CA ALA B 368 19.26 -17.97 11.64
C ALA B 368 19.32 -17.28 13.00
N ASP B 369 18.20 -17.30 13.73
CA ASP B 369 18.18 -16.69 15.06
C ASP B 369 19.17 -17.37 15.99
N GLY B 370 19.22 -18.70 15.97
CA GLY B 370 20.14 -19.44 16.80
C GLY B 370 19.53 -20.69 17.42
N THR B 371 18.20 -20.72 17.53
CA THR B 371 17.53 -21.85 18.13
C THR B 371 17.74 -23.10 17.29
N GLN B 372 17.85 -24.25 17.97
CA GLN B 372 18.07 -25.54 17.33
C GLN B 372 16.94 -26.47 17.72
N ALA B 373 16.26 -27.04 16.73
CA ALA B 373 15.10 -27.89 16.97
C ALA B 373 15.16 -29.24 16.28
N ILE B 374 16.11 -29.46 15.38
CA ILE B 374 16.24 -30.74 14.68
C ILE B 374 17.64 -31.30 14.94
N LYS B 375 18.15 -31.04 16.15
CA LYS B 375 19.51 -31.43 16.52
C LYS B 375 19.90 -32.79 15.95
N ASP B 376 19.08 -33.81 16.20
CA ASP B 376 19.34 -35.15 15.69
C ASP B 376 18.03 -35.77 15.21
N PHE B 377 18.08 -36.42 14.05
CA PHE B 377 16.90 -37.07 13.48
C PHE B 377 17.34 -38.06 12.42
N SER B 378 16.55 -39.12 12.26
CA SER B 378 16.81 -40.14 11.26
C SER B 378 15.59 -41.02 11.11
N LEU B 379 15.24 -41.35 9.87
CA LEU B 379 14.09 -42.19 9.60
C LEU B 379 14.29 -42.92 8.28
N ASP B 380 13.51 -43.98 8.09
CA ASP B 380 13.54 -44.80 6.88
C ASP B 380 12.13 -45.05 6.37
N ILE B 381 11.35 -43.97 6.25
CA ILE B 381 9.97 -44.08 5.83
C ILE B 381 9.90 -44.83 4.50
N ARG B 382 8.96 -45.76 4.40
CA ARG B 382 8.78 -46.60 3.23
C ARG B 382 7.48 -46.25 2.51
N PRO B 383 7.38 -46.56 1.22
CA PRO B 383 6.15 -46.23 0.49
C PRO B 383 4.94 -46.94 1.07
N GLY B 384 3.80 -46.25 1.06
CA GLY B 384 2.56 -46.80 1.55
C GLY B 384 2.39 -46.76 3.05
N GLU B 385 3.31 -46.14 3.78
CA GLU B 385 3.24 -46.09 5.23
C GLU B 385 2.41 -44.90 5.69
N THR B 386 2.10 -44.87 6.97
CA THR B 386 1.33 -43.81 7.60
C THR B 386 2.05 -43.31 8.85
N VAL B 387 3.34 -43.00 8.69
CA VAL B 387 4.13 -42.53 9.82
C VAL B 387 3.53 -41.23 10.35
N ALA B 388 3.46 -41.12 11.68
CA ALA B 388 2.94 -39.94 12.36
C ALA B 388 3.91 -39.51 13.44
N LEU B 389 4.00 -38.18 13.63
CA LEU B 389 4.89 -37.60 14.61
C LEU B 389 4.07 -37.13 15.81
N VAL B 390 4.45 -37.59 17.00
CA VAL B 390 3.78 -37.24 18.24
C VAL B 390 4.84 -36.84 19.26
N GLY B 391 4.58 -35.77 19.98
CA GLY B 391 5.53 -35.31 20.98
C GLY B 391 5.04 -34.04 21.64
N ARG B 392 5.87 -33.52 22.53
CA ARG B 392 5.54 -32.30 23.25
C ARG B 392 5.65 -31.08 22.32
N SER B 393 4.93 -30.03 22.70
CA SER B 393 4.95 -28.79 21.92
C SER B 393 6.33 -28.13 22.00
N GLY B 394 6.65 -27.35 20.98
CA GLY B 394 7.94 -26.70 20.93
C GLY B 394 9.10 -27.67 20.79
N ALA B 395 8.93 -28.71 19.97
CA ALA B 395 9.97 -29.71 19.75
C ALA B 395 10.49 -29.77 18.33
N GLY B 396 9.77 -29.21 17.36
CA GLY B 396 10.20 -29.23 15.97
C GLY B 396 9.24 -29.97 15.08
N LYS B 397 7.97 -30.01 15.47
CA LYS B 397 6.97 -30.72 14.68
C LYS B 397 6.79 -30.07 13.31
N THR B 398 6.32 -28.82 13.30
CA THR B 398 6.17 -28.08 12.05
C THR B 398 7.42 -27.27 11.71
N SER B 399 8.57 -27.96 11.75
CA SER B 399 9.83 -27.38 11.32
C SER B 399 10.56 -28.36 10.41
N LEU B 400 10.39 -29.66 10.69
CA LEU B 400 10.95 -30.69 9.84
C LEU B 400 10.15 -30.86 8.55
N VAL B 401 8.85 -30.57 8.59
CA VAL B 401 8.03 -30.67 7.38
C VAL B 401 8.45 -29.62 6.36
N ASN B 402 8.86 -28.44 6.84
CA ASN B 402 9.19 -27.35 5.92
C ASN B 402 10.34 -27.74 5.00
N MET B 403 11.39 -28.34 5.56
CA MET B 403 12.52 -28.75 4.73
C MET B 403 12.12 -29.84 3.74
N LEU B 404 11.12 -30.65 4.07
CA LEU B 404 10.64 -31.64 3.12
C LEU B 404 10.10 -30.98 1.86
N VAL B 405 9.34 -29.88 2.02
CA VAL B 405 8.84 -29.12 0.89
C VAL B 405 9.83 -28.04 0.44
N ARG B 406 10.99 -27.94 1.11
CA ARG B 406 12.03 -26.96 0.81
C ARG B 406 11.65 -25.54 1.21
N PHE B 407 10.71 -25.39 2.15
CA PHE B 407 10.42 -24.07 2.71
C PHE B 407 11.57 -23.56 3.56
N GLN B 408 12.43 -24.45 4.07
CA GLN B 408 13.59 -24.06 4.86
C GLN B 408 14.77 -24.96 4.47
N GLU B 409 15.87 -24.33 4.09
CA GLU B 409 17.04 -25.08 3.68
C GLU B 409 17.62 -25.88 4.84
N VAL B 410 18.09 -27.09 4.54
CA VAL B 410 18.67 -27.96 5.55
C VAL B 410 20.11 -27.52 5.83
N SER B 411 20.58 -27.85 7.04
CA SER B 411 21.93 -27.53 7.46
C SER B 411 22.61 -28.78 7.98
N SER B 412 23.82 -29.06 7.49
CA SER B 412 24.58 -30.22 7.92
C SER B 412 23.76 -31.51 7.81
N GLY B 413 23.05 -31.63 6.70
CA GLY B 413 22.22 -32.81 6.48
C GLY B 413 21.56 -32.75 5.13
N GLN B 414 20.82 -33.81 4.81
CA GLN B 414 20.13 -33.93 3.54
C GLN B 414 19.00 -34.92 3.68
N ILE B 415 18.10 -34.93 2.70
CA ILE B 415 16.97 -35.84 2.64
C ILE B 415 17.05 -36.63 1.34
N TYR B 416 16.96 -37.95 1.46
CA TYR B 416 16.98 -38.83 0.28
C TYR B 416 15.53 -39.12 -0.11
N LEU B 417 14.98 -38.27 -0.96
CA LEU B 417 13.63 -38.45 -1.49
C LEU B 417 13.72 -39.33 -2.72
N ASP B 418 13.20 -40.57 -2.61
CA ASP B 418 13.31 -41.56 -3.68
C ASP B 418 14.77 -41.90 -3.95
N ASP B 419 15.45 -42.32 -2.87
CA ASP B 419 16.85 -42.74 -2.92
C ASP B 419 17.70 -41.82 -3.80
N LEU B 420 17.48 -40.52 -3.71
CA LEU B 420 18.28 -39.54 -4.43
C LEU B 420 18.20 -38.22 -3.69
N PRO B 421 19.18 -37.33 -3.88
CA PRO B 421 19.16 -36.07 -3.14
C PRO B 421 17.90 -35.26 -3.41
N ILE B 422 17.39 -34.63 -2.36
CA ILE B 422 16.20 -33.80 -2.51
C ILE B 422 16.51 -32.54 -3.30
N ARG B 423 17.71 -31.98 -3.10
CA ARG B 423 18.06 -30.73 -3.78
C ARG B 423 18.08 -30.90 -5.29
N ASP B 424 18.39 -32.11 -5.78
CA ASP B 424 18.48 -32.32 -7.23
C ASP B 424 17.14 -32.13 -7.93
N ILE B 425 16.03 -32.24 -7.19
CA ILE B 425 14.71 -32.08 -7.76
C ILE B 425 14.33 -30.61 -7.77
N GLU B 426 13.63 -30.18 -8.81
CA GLU B 426 13.23 -28.78 -8.91
C GLU B 426 12.18 -28.44 -7.85
N LEU B 427 12.16 -27.17 -7.45
CA LEU B 427 11.16 -26.73 -6.48
C LEU B 427 9.76 -26.88 -7.05
N SER B 428 9.57 -26.50 -8.32
CA SER B 428 8.25 -26.65 -8.94
C SER B 428 7.84 -28.12 -9.01
N SER B 429 8.77 -29.00 -9.38
CA SER B 429 8.46 -30.42 -9.47
C SER B 429 8.33 -31.06 -8.10
N LEU B 430 8.82 -30.42 -7.05
CA LEU B 430 8.74 -30.95 -5.70
C LEU B 430 7.48 -30.46 -4.96
N ARG B 431 7.27 -29.15 -4.94
CA ARG B 431 6.10 -28.60 -4.25
C ARG B 431 4.81 -29.01 -4.93
N THR B 432 4.83 -29.16 -6.25
CA THR B 432 3.61 -29.51 -6.98
C THR B 432 3.15 -30.94 -6.71
N GLN B 433 4.02 -31.80 -6.17
CA GLN B 433 3.70 -33.19 -5.92
C GLN B 433 3.75 -33.50 -4.42
N ILE B 434 3.48 -32.50 -3.58
CA ILE B 434 3.46 -32.71 -2.13
C ILE B 434 2.28 -31.94 -1.55
N ALA B 435 1.22 -32.66 -1.20
CA ALA B 435 0.07 -32.03 -0.57
C ALA B 435 0.40 -31.64 0.86
N MET B 436 0.01 -30.42 1.24
CA MET B 436 0.31 -29.89 2.56
C MET B 436 -0.95 -29.28 3.18
N VAL B 437 -1.01 -29.33 4.51
CA VAL B 437 -2.08 -28.71 5.28
C VAL B 437 -1.40 -27.98 6.42
N ASN B 438 -1.17 -26.67 6.26
CA ASN B 438 -0.45 -25.90 7.25
C ASN B 438 -1.28 -25.75 8.52
N GLN B 439 -0.58 -25.50 9.63
CA GLN B 439 -1.26 -25.30 10.91
C GLN B 439 -2.19 -24.09 10.85
N GLN B 440 -1.70 -22.99 10.28
CA GLN B 440 -2.50 -21.78 10.08
C GLN B 440 -3.06 -21.81 8.67
N VAL B 441 -4.31 -22.26 8.55
CA VAL B 441 -4.93 -22.36 7.23
C VAL B 441 -5.17 -20.97 6.68
N VAL B 442 -4.76 -20.76 5.42
CA VAL B 442 -4.88 -19.48 4.74
C VAL B 442 -5.85 -19.65 3.58
N LEU B 443 -6.88 -18.83 3.54
CA LEU B 443 -7.89 -18.86 2.50
C LEU B 443 -7.94 -17.51 1.80
N PHE B 444 -7.85 -17.53 0.47
CA PHE B 444 -7.89 -16.31 -0.30
C PHE B 444 -9.31 -15.78 -0.43
N ASN B 445 -9.42 -14.48 -0.72
CA ASN B 445 -10.72 -13.84 -0.89
C ASN B 445 -11.19 -14.08 -2.33
N ARG B 446 -11.71 -15.28 -2.55
CA ARG B 446 -12.19 -15.69 -3.86
C ARG B 446 -13.38 -16.62 -3.65
N THR B 447 -13.84 -17.24 -4.75
CA THR B 447 -14.92 -18.19 -4.67
C THR B 447 -14.43 -19.49 -4.04
N VAL B 448 -15.39 -20.24 -3.48
CA VAL B 448 -15.05 -21.49 -2.79
C VAL B 448 -14.40 -22.47 -3.75
N ARG B 449 -14.95 -22.59 -4.97
CA ARG B 449 -14.42 -23.55 -5.93
C ARG B 449 -12.96 -23.23 -6.26
N GLU B 450 -12.64 -21.95 -6.47
CA GLU B 450 -11.25 -21.58 -6.77
C GLU B 450 -10.32 -21.93 -5.62
N ASN B 451 -10.74 -21.66 -4.38
CA ASN B 451 -9.90 -21.97 -3.23
C ASN B 451 -9.65 -23.47 -3.13
N ILE B 452 -10.70 -24.27 -3.31
CA ILE B 452 -10.54 -25.72 -3.26
C ILE B 452 -9.66 -26.20 -4.41
N ALA B 453 -9.78 -25.57 -5.57
CA ALA B 453 -9.01 -25.93 -6.76
C ALA B 453 -7.96 -24.87 -7.08
N TYR B 454 -7.32 -24.32 -6.04
CA TYR B 454 -6.29 -23.32 -6.24
C TYR B 454 -4.96 -23.98 -6.56
N GLY B 455 -4.20 -23.35 -7.46
CA GLY B 455 -2.87 -23.82 -7.79
C GLY B 455 -2.75 -24.40 -9.18
N GLN B 456 -1.82 -25.34 -9.36
CA GLN B 456 -1.60 -25.93 -10.68
C GLN B 456 -2.83 -26.67 -11.18
N LEU B 457 -3.68 -27.15 -10.26
CA LEU B 457 -4.86 -27.92 -10.63
C LEU B 457 -6.11 -27.06 -10.79
N HIS B 458 -5.94 -25.80 -11.18
CA HIS B 458 -7.09 -24.92 -11.35
C HIS B 458 -8.02 -25.38 -12.47
N ASN B 459 -7.53 -26.24 -13.36
CA ASN B 459 -8.32 -26.77 -14.47
C ASN B 459 -8.46 -28.28 -14.37
N ALA B 460 -8.56 -28.80 -13.14
CA ALA B 460 -8.67 -30.24 -12.94
C ALA B 460 -9.93 -30.78 -13.61
N SER B 461 -11.09 -30.40 -13.09
CA SER B 461 -12.37 -30.83 -13.65
C SER B 461 -13.48 -30.14 -12.88
N ASP B 462 -14.70 -30.21 -13.42
CA ASP B 462 -15.88 -29.68 -12.76
C ASP B 462 -16.48 -30.66 -11.76
N GLU B 463 -16.02 -31.90 -11.74
CA GLU B 463 -16.52 -32.91 -10.82
C GLU B 463 -15.47 -33.40 -9.82
N ASP B 464 -14.18 -33.21 -10.11
CA ASP B 464 -13.15 -33.63 -9.17
C ASP B 464 -13.27 -32.86 -7.86
N VAL B 465 -13.63 -31.58 -7.93
CA VAL B 465 -13.80 -30.78 -6.72
C VAL B 465 -14.90 -31.39 -5.86
N ILE B 466 -15.96 -31.91 -6.50
CA ILE B 466 -17.04 -32.53 -5.74
C ILE B 466 -16.53 -33.76 -4.99
N ALA B 467 -15.72 -34.58 -5.64
CA ALA B 467 -15.16 -35.76 -4.98
C ALA B 467 -14.28 -35.36 -3.80
N ALA B 468 -13.44 -34.34 -3.99
CA ALA B 468 -12.58 -33.89 -2.89
C ALA B 468 -13.41 -33.37 -1.73
N ALA B 469 -14.45 -32.59 -2.02
CA ALA B 469 -15.31 -32.07 -0.96
C ALA B 469 -16.00 -33.21 -0.21
N LYS B 470 -16.50 -34.20 -0.95
CA LYS B 470 -17.15 -35.33 -0.30
C LYS B 470 -16.17 -36.10 0.58
N ALA B 471 -14.94 -36.29 0.10
CA ALA B 471 -13.93 -36.99 0.90
C ALA B 471 -13.60 -36.20 2.17
N ALA B 472 -13.49 -34.88 2.05
CA ALA B 472 -13.13 -34.03 3.18
C ALA B 472 -14.31 -33.75 4.10
N TYR B 473 -15.53 -34.09 3.70
CA TYR B 473 -16.74 -33.85 4.47
C TYR B 473 -17.21 -32.41 4.37
N ALA B 474 -16.73 -31.67 3.38
CA ALA B 474 -17.16 -30.30 3.13
C ALA B 474 -18.31 -30.23 2.13
N HIS B 475 -18.82 -31.36 1.66
CA HIS B 475 -19.89 -31.41 0.69
C HIS B 475 -21.27 -31.32 1.34
N ASP B 476 -21.35 -30.89 2.59
CA ASP B 476 -22.62 -30.78 3.30
C ASP B 476 -22.98 -29.34 3.64
N PHE B 477 -22.00 -28.50 3.96
CA PHE B 477 -22.26 -27.11 4.33
C PHE B 477 -22.13 -26.14 3.16
N ILE B 478 -21.34 -26.48 2.15
CA ILE B 478 -21.15 -25.57 1.01
C ILE B 478 -22.49 -25.27 0.35
N MET B 479 -23.31 -26.31 0.14
CA MET B 479 -24.63 -26.10 -0.44
C MET B 479 -25.47 -25.16 0.43
N ASN B 480 -25.27 -25.21 1.75
CA ASN B 480 -26.01 -24.34 2.64
C ASN B 480 -25.57 -22.88 2.56
N LEU B 481 -24.46 -22.59 1.88
CA LEU B 481 -24.01 -21.23 1.75
C LEU B 481 -24.94 -20.45 0.81
N PRO B 482 -24.92 -19.12 0.90
CA PRO B 482 -25.86 -18.33 0.08
C PRO B 482 -25.80 -18.64 -1.40
N ASN B 483 -24.61 -18.87 -1.96
CA ASN B 483 -24.45 -19.16 -3.37
C ASN B 483 -23.89 -20.55 -3.66
N GLY B 484 -23.08 -21.11 -2.75
CA GLY B 484 -22.54 -22.44 -2.95
C GLY B 484 -21.05 -22.43 -3.25
N TYR B 485 -20.64 -23.23 -4.24
CA TYR B 485 -19.24 -23.33 -4.60
C TYR B 485 -18.69 -22.03 -5.18
N ASP B 486 -19.57 -21.15 -5.68
CA ASP B 486 -19.16 -19.90 -6.31
C ASP B 486 -19.42 -18.70 -5.41
N THR B 487 -19.33 -18.89 -4.10
CA THR B 487 -19.56 -17.82 -3.12
C THR B 487 -18.22 -17.21 -2.73
N VAL B 488 -18.13 -15.88 -2.80
CA VAL B 488 -16.90 -15.18 -2.46
C VAL B 488 -16.71 -15.23 -0.95
N LEU B 489 -15.50 -15.60 -0.53
CA LEU B 489 -15.18 -15.70 0.89
C LEU B 489 -14.89 -14.31 1.45
N GLY B 490 -14.45 -14.24 2.69
CA GLY B 490 -14.13 -12.99 3.35
C GLY B 490 -12.70 -12.56 3.10
N ALA B 491 -12.19 -11.75 4.04
CA ALA B 491 -10.82 -11.26 3.91
C ALA B 491 -9.83 -12.42 3.86
N GLN B 492 -9.95 -13.37 4.78
CA GLN B 492 -9.10 -14.55 4.81
C GLN B 492 -9.92 -15.79 5.12
N GLY B 493 -11.12 -15.87 4.56
CA GLY B 493 -11.98 -17.02 4.79
C GLY B 493 -12.57 -17.11 6.17
N LEU B 494 -12.68 -15.97 6.88
CA LEU B 494 -13.25 -15.98 8.22
C LEU B 494 -14.74 -16.27 8.22
N ASN B 495 -15.43 -16.06 7.10
CA ASN B 495 -16.89 -16.12 7.07
C ASN B 495 -17.44 -17.52 6.86
N LEU B 496 -16.59 -18.53 6.67
CA LEU B 496 -17.11 -19.89 6.50
C LEU B 496 -17.49 -20.48 7.86
N SER B 497 -16.50 -20.70 8.72
CA SER B 497 -16.70 -21.06 10.12
C SER B 497 -15.32 -21.25 10.73
N GLY B 498 -15.29 -21.47 12.04
CA GLY B 498 -14.04 -21.78 12.71
C GLY B 498 -13.44 -23.08 12.23
N GLY B 499 -14.28 -24.08 11.92
CA GLY B 499 -13.81 -25.37 11.48
C GLY B 499 -13.91 -25.59 9.99
N GLN B 500 -14.90 -24.96 9.35
CA GLN B 500 -15.08 -25.12 7.91
C GLN B 500 -13.88 -24.60 7.15
N ARG B 501 -13.31 -23.47 7.61
CA ARG B 501 -12.13 -22.92 6.94
C ARG B 501 -11.00 -23.94 6.89
N GLN B 502 -10.86 -24.76 7.94
CA GLN B 502 -9.83 -25.79 7.94
C GLN B 502 -10.11 -26.87 6.91
N ARG B 503 -11.39 -27.25 6.76
CA ARG B 503 -11.72 -28.32 5.82
C ARG B 503 -11.37 -27.95 4.38
N ILE B 504 -11.36 -26.66 4.06
CA ILE B 504 -11.01 -26.24 2.70
C ILE B 504 -9.59 -26.66 2.38
N ALA B 505 -8.66 -26.46 3.32
CA ALA B 505 -7.28 -26.89 3.12
C ALA B 505 -7.21 -28.40 2.90
N ILE B 506 -7.93 -29.17 3.71
CA ILE B 506 -7.96 -30.62 3.53
C ILE B 506 -8.57 -30.97 2.18
N ALA B 507 -9.62 -30.23 1.79
CA ALA B 507 -10.27 -30.51 0.51
C ALA B 507 -9.31 -30.32 -0.66
N ARG B 508 -8.58 -29.21 -0.67
CA ARG B 508 -7.64 -28.97 -1.74
C ARG B 508 -6.47 -29.94 -1.70
N ALA B 509 -6.03 -30.31 -0.49
CA ALA B 509 -4.95 -31.28 -0.37
C ALA B 509 -5.35 -32.63 -0.96
N ILE B 510 -6.57 -33.10 -0.64
CA ILE B 510 -7.02 -34.37 -1.20
C ILE B 510 -7.28 -34.25 -2.69
N LEU B 511 -7.75 -33.08 -3.16
CA LEU B 511 -7.93 -32.88 -4.59
C LEU B 511 -6.61 -33.00 -5.33
N LYS B 512 -5.54 -32.43 -4.78
CA LYS B 512 -4.21 -32.59 -5.35
C LYS B 512 -3.77 -34.04 -5.16
N ASN B 513 -3.83 -34.82 -6.23
CA ASN B 513 -3.59 -36.26 -6.16
C ASN B 513 -2.11 -36.61 -6.23
N ALA B 514 -1.32 -36.00 -5.36
CA ALA B 514 0.08 -36.37 -5.23
C ALA B 514 0.23 -37.54 -4.27
N PRO B 515 1.31 -38.32 -4.39
CA PRO B 515 1.47 -39.46 -3.46
C PRO B 515 2.12 -39.06 -2.15
N ILE B 516 1.68 -37.93 -1.60
CA ILE B 516 2.15 -37.44 -0.30
C ILE B 516 1.06 -36.53 0.27
N LEU B 517 0.74 -36.71 1.55
CA LEU B 517 -0.27 -35.90 2.24
C LEU B 517 0.22 -35.67 3.67
N ILE B 518 0.89 -34.54 3.89
CA ILE B 518 1.41 -34.18 5.20
C ILE B 518 0.29 -33.46 5.94
N LEU B 519 -0.44 -34.19 6.78
CA LEU B 519 -1.54 -33.63 7.56
C LEU B 519 -0.96 -33.01 8.83
N ASP B 520 -0.35 -31.84 8.65
CA ASP B 520 0.30 -31.12 9.75
C ASP B 520 -0.79 -30.44 10.58
N GLU B 521 -1.28 -31.16 11.60
CA GLU B 521 -2.33 -30.66 12.47
C GLU B 521 -3.56 -30.24 11.66
N ALA B 522 -3.87 -31.03 10.63
CA ALA B 522 -5.04 -30.73 9.80
C ALA B 522 -6.32 -30.78 10.60
N THR B 523 -6.46 -31.79 11.46
CA THR B 523 -7.65 -31.96 12.30
C THR B 523 -7.37 -31.38 13.68
N SER B 524 -7.47 -30.05 13.77
CA SER B 524 -7.27 -29.33 15.02
C SER B 524 -8.53 -28.68 15.54
N ALA B 525 -9.19 -27.85 14.74
CA ALA B 525 -10.41 -27.17 15.12
C ALA B 525 -11.66 -27.94 14.72
N LEU B 526 -11.52 -29.08 14.04
CA LEU B 526 -12.68 -29.84 13.60
C LEU B 526 -13.34 -30.54 14.79
N ASP B 527 -14.62 -30.84 14.62
CA ASP B 527 -15.39 -31.53 15.65
C ASP B 527 -15.04 -33.02 15.66
N ASN B 528 -15.50 -33.70 16.71
CA ASN B 528 -15.22 -35.13 16.84
C ASN B 528 -15.82 -35.93 15.70
N GLU B 529 -17.05 -35.60 15.31
CA GLU B 529 -17.69 -36.36 14.23
C GLU B 529 -17.05 -36.06 12.88
N SER B 530 -16.75 -34.79 12.62
CA SER B 530 -16.21 -34.42 11.31
C SER B 530 -14.85 -35.08 11.06
N GLU B 531 -13.98 -35.08 12.07
CA GLU B 531 -12.66 -35.68 11.89
C GLU B 531 -12.75 -37.18 11.69
N HIS B 532 -13.70 -37.85 12.34
CA HIS B 532 -13.83 -39.28 12.20
C HIS B 532 -14.12 -39.68 10.76
N PHE B 533 -15.01 -38.93 10.09
CA PHE B 533 -15.32 -39.24 8.70
C PHE B 533 -14.10 -39.02 7.80
N ILE B 534 -13.33 -37.96 8.07
CA ILE B 534 -12.14 -37.69 7.27
C ILE B 534 -11.12 -38.82 7.42
N GLN B 535 -10.92 -39.31 8.65
CA GLN B 535 -10.02 -40.43 8.86
C GLN B 535 -10.50 -41.67 8.12
N GLN B 536 -11.82 -41.93 8.16
CA GLN B 536 -12.36 -43.08 7.43
C GLN B 536 -12.12 -42.93 5.93
N ALA B 537 -12.31 -41.72 5.39
CA ALA B 537 -12.07 -41.51 3.97
C ALA B 537 -10.60 -41.73 3.62
N PHE B 538 -9.70 -41.23 4.47
CA PHE B 538 -8.27 -41.44 4.22
C PHE B 538 -7.93 -42.94 4.23
N ASP B 539 -8.49 -43.68 5.19
CA ASP B 539 -8.22 -45.11 5.26
C ASP B 539 -8.79 -45.83 4.05
N GLU B 540 -9.98 -45.45 3.60
CA GLU B 540 -10.67 -46.14 2.51
C GLU B 540 -10.18 -45.73 1.13
N ALA B 541 -9.42 -44.63 1.02
CA ALA B 541 -8.93 -44.15 -0.26
C ALA B 541 -8.41 -45.28 -1.14
N MET B 542 -7.78 -46.29 -0.54
CA MET B 542 -7.23 -47.42 -1.28
C MET B 542 -6.16 -46.97 -2.28
N GLN B 543 -5.47 -45.90 -1.95
CA GLN B 543 -4.40 -45.32 -2.78
C GLN B 543 -3.19 -45.02 -1.91
N ASP B 544 -2.73 -46.04 -1.18
CA ASP B 544 -1.73 -45.89 -0.12
C ASP B 544 -0.63 -44.92 -0.49
N ARG B 545 -0.35 -43.96 0.41
CA ARG B 545 0.70 -42.97 0.21
C ARG B 545 1.64 -42.96 1.40
N THR B 546 2.51 -41.95 1.47
CA THR B 546 3.44 -41.78 2.58
C THR B 546 2.99 -40.62 3.48
N THR B 547 1.68 -40.54 3.72
CA THR B 547 1.11 -39.43 4.47
C THR B 547 1.76 -39.32 5.85
N ILE B 548 2.06 -38.08 6.24
CA ILE B 548 2.64 -37.78 7.54
C ILE B 548 1.62 -36.98 8.34
N VAL B 549 1.31 -37.43 9.55
CA VAL B 549 0.29 -36.83 10.40
C VAL B 549 0.95 -36.25 11.63
N ILE B 550 0.68 -34.98 11.91
CA ILE B 550 1.17 -34.29 13.10
C ILE B 550 -0.07 -33.80 13.83
N ALA B 551 -0.56 -34.61 14.78
CA ALA B 551 -1.77 -34.31 15.52
C ALA B 551 -1.54 -34.53 17.01
N HIS B 552 -2.08 -33.63 17.82
CA HIS B 552 -2.02 -33.77 19.28
C HIS B 552 -3.22 -34.56 19.80
N ARG B 553 -3.41 -35.76 19.25
CA ARG B 553 -4.55 -36.59 19.61
C ARG B 553 -4.17 -38.05 19.42
N LEU B 554 -4.98 -38.93 20.01
CA LEU B 554 -4.73 -40.37 19.94
C LEU B 554 -5.61 -41.08 18.92
N SER B 555 -6.78 -40.52 18.61
CA SER B 555 -7.67 -41.17 17.66
C SER B 555 -7.02 -41.28 16.28
N THR B 556 -6.37 -40.22 15.83
CA THR B 556 -5.70 -40.26 14.53
C THR B 556 -4.40 -41.05 14.61
N ILE B 557 -3.76 -41.08 15.77
CA ILE B 557 -2.49 -41.79 15.92
C ILE B 557 -2.69 -43.27 16.20
N GLU B 558 -3.88 -43.67 16.66
CA GLU B 558 -4.10 -45.07 17.01
C GLU B 558 -3.90 -45.99 15.83
N ASN B 559 -4.26 -45.55 14.62
CA ASN B 559 -4.18 -46.36 13.42
C ASN B 559 -2.91 -46.09 12.61
N ALA B 560 -2.00 -45.28 13.13
CA ALA B 560 -0.76 -44.98 12.41
C ALA B 560 0.10 -46.23 12.29
N ASP B 561 0.68 -46.43 11.11
CA ASP B 561 1.54 -47.59 10.90
C ASP B 561 2.75 -47.55 11.81
N ARG B 562 3.39 -46.38 11.93
CA ARG B 562 4.54 -46.20 12.81
C ARG B 562 4.40 -44.85 13.51
N ILE B 563 4.70 -44.83 14.80
CA ILE B 563 4.61 -43.63 15.63
C ILE B 563 6.01 -43.30 16.13
N VAL B 564 6.45 -42.07 15.86
CA VAL B 564 7.76 -41.59 16.26
C VAL B 564 7.58 -40.57 17.37
N VAL B 565 8.16 -40.83 18.53
CA VAL B 565 8.10 -39.92 19.66
C VAL B 565 9.30 -38.98 19.55
N MET B 566 9.02 -37.70 19.32
CA MET B 566 10.05 -36.69 19.11
C MET B 566 9.96 -35.64 20.21
N ASP B 567 11.10 -35.34 20.83
CA ASP B 567 11.19 -34.31 21.86
C ASP B 567 12.47 -33.54 21.63
N ARG B 568 12.35 -32.21 21.48
CA ARG B 568 13.51 -31.36 21.21
C ARG B 568 14.28 -31.84 19.98
N GLY B 569 13.54 -32.28 18.97
CA GLY B 569 14.15 -32.78 17.74
C GLY B 569 14.59 -34.22 17.77
N GLN B 570 15.28 -34.64 18.84
CA GLN B 570 15.74 -36.01 18.94
C GLN B 570 14.56 -36.97 18.98
N ILE B 571 14.72 -38.12 18.34
CA ILE B 571 13.68 -39.14 18.32
C ILE B 571 13.70 -39.88 19.66
N VAL B 572 12.66 -39.67 20.46
CA VAL B 572 12.59 -40.32 21.77
C VAL B 572 12.37 -41.82 21.61
N GLU B 573 11.41 -42.21 20.77
CA GLU B 573 11.07 -43.61 20.59
C GLU B 573 10.43 -43.79 19.23
N GLN B 574 10.42 -45.04 18.77
CA GLN B 574 9.76 -45.42 17.52
C GLN B 574 9.08 -46.77 17.70
N GLY B 575 8.06 -47.01 16.91
CA GLY B 575 7.34 -48.26 16.95
C GLY B 575 5.88 -48.06 16.59
N THR B 576 5.13 -49.15 16.70
CA THR B 576 3.70 -49.13 16.41
C THR B 576 2.91 -48.72 17.66
N HIS B 577 1.61 -48.58 17.51
CA HIS B 577 0.77 -48.18 18.64
C HIS B 577 0.84 -49.21 19.76
N GLN B 578 0.76 -50.49 19.42
CA GLN B 578 0.85 -51.54 20.44
C GLN B 578 2.24 -51.55 21.08
N GLU B 579 3.29 -51.42 20.27
CA GLU B 579 4.65 -51.48 20.81
C GLU B 579 4.91 -50.35 21.79
N LEU B 580 4.50 -49.13 21.45
CA LEU B 580 4.76 -48.00 22.33
C LEU B 580 4.02 -48.16 23.66
N LEU B 581 2.77 -48.62 23.62
CA LEU B 581 2.00 -48.79 24.85
C LEU B 581 2.68 -49.78 25.78
N ALA B 582 3.12 -50.92 25.25
CA ALA B 582 3.83 -51.89 26.08
C ALA B 582 5.13 -51.31 26.63
N LYS B 583 5.88 -50.59 25.79
CA LYS B 583 7.12 -49.98 26.24
C LYS B 583 6.88 -48.79 27.16
N HIS B 584 5.67 -48.22 27.13
CA HIS B 584 5.36 -47.06 27.96
C HIS B 584 6.25 -45.88 27.58
N GLY B 585 7.31 -45.64 28.36
CA GLY B 585 8.20 -44.54 28.06
C GLY B 585 7.48 -43.22 28.04
N ALA B 586 7.82 -42.38 27.06
CA ALA B 586 7.17 -41.08 26.95
C ALA B 586 5.76 -41.19 26.41
N TYR B 587 5.49 -42.20 25.57
CA TYR B 587 4.15 -42.36 25.02
C TYR B 587 3.13 -42.64 26.13
N TYR B 588 3.51 -43.46 27.11
CA TYR B 588 2.61 -43.74 28.23
C TYR B 588 2.20 -42.45 28.94
N GLN B 589 3.11 -41.48 29.02
CA GLN B 589 2.76 -40.20 29.63
C GLN B 589 1.66 -39.50 28.85
N LEU B 590 1.75 -39.53 27.52
CA LEU B 590 0.73 -38.93 26.66
C LEU B 590 -0.38 -39.92 26.33
N HIS B 591 -0.96 -40.51 27.37
CA HIS B 591 -2.07 -41.45 27.20
C HIS B 591 -3.11 -41.30 28.30
N GLN B 592 -3.09 -40.23 29.09
CA GLN B 592 -4.04 -40.04 30.17
C GLN B 592 -5.40 -39.61 29.64
PG ANP C . -16.45 -23.82 14.33
O1G ANP C . -16.48 -23.25 12.95
O2G ANP C . -14.96 -23.90 14.83
O3G ANP C . -17.09 -25.26 14.33
PB ANP C . -18.86 -22.50 14.78
O1B ANP C . -18.97 -22.98 13.37
O2B ANP C . -19.92 -23.22 15.65
N3B ANP C . -17.33 -22.82 15.38
PA ANP C . -18.92 -20.08 13.53
O1A ANP C . -17.60 -20.35 12.92
O2A ANP C . -19.12 -18.62 13.94
O3A ANP C . -19.13 -20.96 14.82
O5' ANP C . -20.04 -20.55 12.51
C5' ANP C . -21.44 -20.50 12.88
C4' ANP C . -22.29 -20.51 11.63
O4' ANP C . -22.43 -19.16 11.14
C3' ANP C . -21.73 -21.32 10.45
O3' ANP C . -22.78 -21.94 9.72
C2' ANP C . -20.99 -20.27 9.64
O2' ANP C . -20.91 -20.62 8.26
C1' ANP C . -21.89 -19.05 9.84
N9 ANP C . -21.19 -17.77 9.73
C8 ANP C . -20.32 -17.23 10.63
N7 ANP C . -19.85 -16.07 10.29
C5 ANP C . -20.45 -15.82 9.06
C6 ANP C . -20.36 -14.73 8.17
N6 ANP C . -19.60 -13.65 8.37
N1 ANP C . -21.09 -14.79 7.03
C2 ANP C . -21.85 -15.88 6.82
N3 ANP C . -22.01 -16.95 7.59
C4 ANP C . -21.28 -16.85 8.71
HNB1 ANP C . -16.88 -22.03 15.51
H5'1 ANP C . -21.61 -19.69 13.39
H5'2 ANP C . -21.65 -21.29 13.41
H4' ANP C . -23.19 -20.84 11.82
H3' ANP C . -21.10 -21.97 10.80
HO3' ANP C . -22.44 -22.28 8.97
H2' ANP C . -20.13 -20.08 10.02
HO2' ANP C . -20.59 -21.45 8.18
H1' ANP C . -22.60 -19.09 9.18
H8 ANP C . -20.08 -17.67 11.45
HN61 ANP C . -19.75 -12.88 7.89
HN62 ANP C . -18.92 -13.68 8.99
H2 ANP C . -22.37 -15.87 5.99
N1 ZQF D . 10.50 37.05 -21.86
N1 ZQF D . 7.53 35.74 -25.05
N3 ZQF D . 4.17 32.93 -29.33
N3 ZQF D . 13.37 38.56 -16.63
C4 ZQF D . 11.33 37.60 -18.29
C4 ZQF D . 6.34 33.24 -27.50
C5 ZQF D . 10.70 37.33 -16.97
C5 ZQF D . 6.62 31.81 -27.84
C6 ZQF D . 10.64 37.23 -19.45
C6 ZQF D . 7.06 33.83 -26.46
C7 ZQF D . 11.19 37.45 -20.70
C7 ZQF D . 6.81 35.16 -26.11
C8 ZQF D . 10.22 37.79 -22.97
C8 ZQF D . 8.29 36.87 -25.08
C10 ZQF D . 8.08 36.66 -23.58
C10 ZQF D . 10.07 36.30 -23.42
C13 ZQF D . 6.66 34.14 -26.83
C13 ZQF D . 11.10 37.62 -19.42
C15 ZQF D . 6.42 31.88 -27.81
C15 ZQF D . 10.71 37.46 -16.97
C17 ZQF D . 1.54 33.55 -29.13
C17 ZQF D . 16.02 37.89 -16.61
C20 ZQF D . -0.57 33.80 -27.33
C20 ZQF D . 17.83 35.84 -17.15
C21 ZQF D . -1.66 33.91 -26.29
C21 ZQF D . 18.79 34.71 -17.45
C22 ZQF D . -2.63 35.07 -26.48
C22 ZQF D . 20.12 35.15 -18.05
C24 ZQF D . -4.26 36.63 -25.32
C24 ZQF D . 22.12 34.47 -19.42
C26 ZQF D . 1.26 34.78 -28.55
C26 ZQF D . 16.53 37.74 -17.89
C28 ZQF D . 5.20 35.96 -27.42
C28 ZQF D . 13.15 38.46 -20.34
N ZQF D . 13.29 38.59 -17.23
N ZQF D . 4.63 33.38 -29.26
C ZQF D . 17.27 36.61 -15.56
C ZQF D . 0.07 32.40 -28.85
O ZQF D . 14.76 40.08 -15.93
O ZQF D . 3.42 33.39 -31.39
C1 ZQF D . 16.35 37.64 -15.70
C1 ZQF D . 1.24 32.66 -29.56
C11 ZQF D . 7.02 36.38 -25.76
C11 ZQF D . 11.34 37.74 -21.91
C12 ZQF D . 6.28 35.47 -26.69
C12 ZQF D . 11.88 37.94 -20.53
C14 ZQF D . 5.98 33.29 -27.69
C14 ZQF D . 11.58 37.81 -18.13
C16 ZQF D . 4.88 33.79 -28.43
C16 ZQF D . 12.88 38.34 -17.95
C18 ZQF D . 0.75 32.45 -28.83
C18 ZQF D . 16.41 37.03 -15.60
C19 ZQF D . -0.29 32.58 -27.93
C19 ZQF D . 17.31 36.01 -15.87
C2 ZQF D . 15.94 38.01 -16.96
C2 ZQF D . 1.95 33.81 -29.31
C23 ZQF D . -3.45 35.36 -25.23
C23 ZQF D . 20.90 34.00 -18.67
C25 ZQF D . 0.22 34.89 -27.65
C25 ZQF D . 17.43 36.72 -18.15
C27 ZQF D . 4.50 35.12 -28.29
C27 ZQF D . 13.65 38.67 -19.06
C29 ZQF D . 12.43 38.07 -20.81
C29 ZQF D . 5.86 35.89 -26.80
C3 ZQF D . 12.59 38.21 -18.40
C3 ZQF D . 5.37 33.98 -28.19
C30 ZQF D . 13.13 38.45 -19.67
C30 ZQF D . 5.14 35.32 -27.82
C31 ZQF D . 16.45 37.37 -18.08
C31 ZQF D . 1.50 34.73 -28.37
C32 ZQF D . 17.36 36.35 -17.93
C32 ZQF D . 0.33 34.46 -27.67
C33 ZQF D . 17.78 35.95 -16.67
C33 ZQF D . -0.39 33.30 -27.89
C34 ZQF D . 18.77 34.82 -16.50
C34 ZQF D . -1.63 32.99 -27.09
C35 ZQF D . 19.34 34.21 -17.79
C35 ZQF D . -1.98 33.97 -25.96
C36 ZQF D . 20.37 35.09 -18.47
C36 ZQF D . -2.66 35.23 -26.44
C37 ZQF D . 20.94 34.46 -19.72
C37 ZQF D . -3.14 36.10 -25.30
C9 ZQF D . 9.47 37.05 -24.04
C9 ZQF D . 8.94 37.23 -23.77
N2 ZQF D . 7.37 35.87 -24.59
N2 ZQF D . 10.66 36.60 -22.13
O1 ZQF D . 15.00 39.96 -18.39
O1 ZQF D . 3.71 35.51 -30.16
O2 ZQF D . 10.67 38.17 -16.07
O2 ZQF D . 6.72 31.43 -28.99
O3 ZQF D . 10.18 36.13 -16.84
O3 ZQF D . 6.74 31.02 -26.81
O4 ZQF D . 10.56 38.96 -23.10
O4 ZQF D . 8.45 37.55 -26.09
O5 ZQF D . 7.27 37.53 -26.08
O5 ZQF D . 11.51 38.58 -22.78
O6 ZQF D . 6.38 31.26 -28.88
O6 ZQF D . 10.69 38.12 -15.94
O7 ZQF D . 6.84 31.34 -26.70
O7 ZQF D . 9.99 36.39 -17.15
O8 ZQF D . 3.20 34.68 -30.77
O8 ZQF D . 15.10 40.24 -17.20
O9 ZQF D . 2.62 32.29 -31.12
O9 ZQF D . 14.87 39.42 -14.87
S ZQF D . 14.76 39.31 -17.15
S ZQF D . 3.47 34.10 -30.15
S1 ZQF D . 2.90 33.39 -30.23
S1 ZQF D . 14.85 39.17 -16.28
H5 ZQF D . 10.17 36.09 -21.84
H5 ZQF D . 7.45 35.25 -24.17
H13 ZQF D . 4.55 31.98 -29.36
H13 ZQF D . 12.72 38.29 -15.90
H4 ZQF D . 9.67 36.75 -19.34
H4 ZQF D . 7.80 33.23 -25.93
H9 ZQF D . 8.14 36.13 -22.63
H9 ZQF D . 9.73 35.26 -23.47
H8 ZQF D . 7.50 37.55 -23.36
H8 ZQF D . 10.84 36.37 -24.18
H11 ZQF D . 7.50 33.76 -26.26
H11 ZQF D . 10.10 37.20 -19.57
H17 ZQF D . -1.21 34.01 -25.31
H17 ZQF D . 18.29 34.02 -18.13
H16 ZQF D . -2.23 32.98 -26.23
H16 ZQF D . 18.96 34.11 -16.56
H18 ZQF D . -3.30 34.86 -27.31
H18 ZQF D . 20.71 35.62 -17.27
H19 ZQF D . -2.10 35.97 -26.78
H19 ZQF D . 19.95 35.93 -18.80
H22 ZQF D . -4.82 36.83 -24.40
H22 ZQF D . 22.65 33.65 -19.91
H24 ZQF D . -4.98 36.61 -26.13
H24 ZQF D . 22.85 34.95 -18.76
H23 ZQF D . -3.63 37.50 -25.49
H23 ZQF D . 21.87 35.19 -20.19
H26 ZQF D . 1.87 35.65 -28.79
H26 ZQF D . 16.24 38.42 -18.69
H28 ZQF D . 4.89 36.99 -27.32
H28 ZQF D . 13.76 38.72 -21.20
H2 ZQF D . 12.79 38.39 -16.36
H2 ZQF D . 4.90 32.42 -29.43
H ZQF D . 17.59 36.32 -14.57
H ZQF D . -0.49 31.49 -29.05
H1 ZQF D . 15.96 38.14 -14.82
H1 ZQF D . 1.57 31.95 -30.31
H14 ZQF D . 0.95 31.48 -29.29
H14 ZQF D . 16.01 37.14 -14.59
H15 ZQF D . -0.90 31.70 -27.70
H15 ZQF D . 17.61 35.35 -15.07
H21 ZQF D . -2.79 35.42 -24.37
H21 ZQF D . 20.25 33.43 -19.33
H20 ZQF D . -4.11 34.53 -25.03
H20 ZQF D . 21.18 33.30 -17.89
H25 ZQF D . 0.01 35.85 -27.19
H25 ZQF D . 17.84 36.60 -19.16
H27 ZQF D . 3.67 35.56 -28.82
H27 ZQF D . 14.65 39.08 -18.99
H29 ZQF D . 12.88 38.26 -21.78
H29 ZQF D . 5.66 36.93 -26.54
H30 ZQF D . 14.10 38.91 -19.82
H30 ZQF D . 4.41 35.94 -28.32
H31 ZQF D . 16.13 37.67 -19.09
H31 ZQF D . 2.05 35.65 -28.17
H32 ZQF D . 17.75 35.85 -18.81
H32 ZQF D . -0.02 35.18 -26.93
H34 ZQF D . 19.61 35.16 -15.88
H34 ZQF D . -2.49 32.89 -27.75
H33 ZQF D . 18.30 34.03 -15.91
H33 ZQF D . -1.51 31.99 -26.66
H36 ZQF D . 18.53 33.99 -18.48
H36 ZQF D . -1.07 34.23 -25.41
H35 ZQF D . 19.78 33.24 -17.57
H35 ZQF D . -2.59 33.47 -25.22
H38 ZQF D . 21.19 35.30 -17.77
H38 ZQF D . -3.51 34.96 -27.07
H37 ZQF D . 19.95 36.06 -18.71
H37 ZQF D . -2.00 35.79 -27.08
H39 ZQF D . 21.44 33.51 -19.51
H39 ZQF D . -3.82 35.56 -24.63
H41 ZQF D . 21.68 35.10 -20.21
H41 ZQF D . -3.67 36.99 -25.65
H40 ZQF D . 20.17 34.25 -20.46
H40 ZQF D . -2.31 36.45 -24.68
H6 ZQF D . 9.39 37.72 -24.90
H6 ZQF D . 9.32 38.24 -23.85
H7 ZQF D . 10.02 36.20 -24.43
H7 ZQF D . 8.20 37.30 -22.96
H10 ZQF D . 7.16 34.90 -24.34
H10 ZQF D . 10.53 35.92 -21.38
H3 ZQF D . 9.78 36.02 -15.94
H3 ZQF D . 6.93 30.09 -27.10
H12 ZQF D . 7.12 30.41 -26.84
H12 ZQF D . 9.44 36.20 -16.34
PG ANP E . 3.93 -26.83 17.79
O1G ANP E . 4.36 -25.41 18.02
O2G ANP E . 2.44 -26.84 17.29
O3G ANP E . 4.05 -27.64 19.14
PB ANP E . 6.55 -27.41 17.04
O1B ANP E . 6.71 -26.41 18.13
O2B ANP E . 7.07 -28.79 17.54
N3B ANP E . 4.93 -27.55 16.63
PA ANP E . 7.70 -25.44 15.59
O1A ANP E . 6.50 -24.61 15.80
O2A ANP E . 8.29 -25.31 14.17
O3A ANP E . 7.38 -26.98 15.80
O5' ANP E . 8.78 -25.07 16.68
C5' ANP E . 10.01 -25.82 16.80
C4' ANP E . 11.04 -24.98 17.51
O4' ANP E . 11.74 -24.16 16.56
C3' ANP E . 10.49 -24.02 18.58
O3' ANP E . 11.38 -23.92 19.68
C2' ANP E . 10.36 -22.72 17.80
O2' ANP E . 10.44 -21.57 18.65
C1' ANP E . 11.56 -22.79 16.86
N9 ANP E . 11.39 -22.06 15.62
C8 ANP E . 10.61 -22.42 14.56
N7 ANP E . 10.65 -21.57 13.55
C5 ANP E . 11.52 -20.58 13.99
C6 ANP E . 11.99 -19.40 13.40
N6 ANP E . 11.63 -18.99 12.18
N1 ANP E . 12.85 -18.64 14.11
C2 ANP E . 13.22 -19.04 15.33
N3 ANP E . 12.84 -20.14 15.99
C4 ANP E . 11.99 -20.87 15.27
HNB1 ANP E . 4.79 -27.15 15.81
H5'1 ANP E . 10.33 -26.05 15.91
H5'2 ANP E . 9.84 -26.64 17.31
H4' ANP E . 11.71 -25.56 17.95
H3' ANP E . 9.62 -24.33 18.86
HO3' ANP E . 11.43 -23.06 19.93
H2' ANP E . 9.55 -22.71 17.27
HO2' ANP E . 10.75 -20.88 18.19
H1' ANP E . 12.33 -22.46 17.35
H8 ANP E . 10.08 -23.21 14.53
HN61 ANP E . 12.14 -18.35 11.74
HN62 ANP E . 10.88 -19.32 11.78
H2 ANP E . 13.83 -18.47 15.80
#